data_197D
# 
_entry.id   197D 
# 
_audit_conform.dict_name       mmcif_pdbx.dic 
_audit_conform.dict_version    5.385 
_audit_conform.dict_location   http://mmcif.pdb.org/dictionaries/ascii/mmcif_pdbx.dic 
# 
loop_
_database_2.database_id 
_database_2.database_code 
_database_2.pdbx_database_accession 
_database_2.pdbx_DOI 
PDB   197D         pdb_0000197d 10.2210/pdb197d/pdb 
RCSB  ADH059       ?            ?                   
WWPDB D_1000170215 ?            ?                   
# 
loop_
_pdbx_audit_revision_history.ordinal 
_pdbx_audit_revision_history.data_content_type 
_pdbx_audit_revision_history.major_revision 
_pdbx_audit_revision_history.minor_revision 
_pdbx_audit_revision_history.revision_date 
1 'Structure model' 1 0 1995-02-07 
2 'Structure model' 1 1 2008-05-22 
3 'Structure model' 1 2 2011-07-13 
4 'Structure model' 1 3 2024-02-07 
# 
_pdbx_audit_revision_details.ordinal             1 
_pdbx_audit_revision_details.revision_ordinal    1 
_pdbx_audit_revision_details.data_content_type   'Structure model' 
_pdbx_audit_revision_details.provider            repository 
_pdbx_audit_revision_details.type                'Initial release' 
_pdbx_audit_revision_details.description         ? 
_pdbx_audit_revision_details.details             ? 
# 
loop_
_pdbx_audit_revision_group.ordinal 
_pdbx_audit_revision_group.revision_ordinal 
_pdbx_audit_revision_group.data_content_type 
_pdbx_audit_revision_group.group 
1 2 'Structure model' 'Version format compliance' 
2 3 'Structure model' 'Version format compliance' 
3 4 'Structure model' 'Data collection'           
4 4 'Structure model' 'Database references'       
# 
loop_
_pdbx_audit_revision_category.ordinal 
_pdbx_audit_revision_category.revision_ordinal 
_pdbx_audit_revision_category.data_content_type 
_pdbx_audit_revision_category.category 
1 4 'Structure model' chem_comp_atom 
2 4 'Structure model' chem_comp_bond 
3 4 'Structure model' database_2     
# 
loop_
_pdbx_audit_revision_item.ordinal 
_pdbx_audit_revision_item.revision_ordinal 
_pdbx_audit_revision_item.data_content_type 
_pdbx_audit_revision_item.item 
1 4 'Structure model' '_database_2.pdbx_DOI'                
2 4 'Structure model' '_database_2.pdbx_database_accession' 
# 
_pdbx_database_status.status_code                     REL 
_pdbx_database_status.entry_id                        197D 
_pdbx_database_status.recvd_initial_deposition_date   1994-11-24 
_pdbx_database_status.deposit_site                    BNL 
_pdbx_database_status.process_site                    NDB 
_pdbx_database_status.SG_entry                        . 
_pdbx_database_status.pdb_format_compatible           Y 
_pdbx_database_status.status_code_mr                  ? 
_pdbx_database_status.status_code_sf                  ? 
_pdbx_database_status.status_code_cs                  ? 
_pdbx_database_status.status_code_nmr_data            ? 
_pdbx_database_status.methods_development_category    ? 
# 
loop_
_audit_author.name 
_audit_author.pdbx_ordinal 
;Langlois D'Estaintot, B.
;
1 
'Dautant, A.'              2 
'Courseille, C.'           3 
'Precigoux, G.'            4 
# 
loop_
_citation.id 
_citation.title 
_citation.journal_abbrev 
_citation.journal_volume 
_citation.page_first 
_citation.page_last 
_citation.year 
_citation.journal_id_ASTM 
_citation.country 
_citation.journal_id_ISSN 
_citation.journal_id_CSD 
_citation.book_publisher 
_citation.pdbx_database_id_PubMed 
_citation.pdbx_database_id_DOI 
primary 'Orthorhombic crystal structure of the A-DNA octamer d(GTACGTAC). Comparison with the tetragonal structure.' 
Eur.J.Biochem.             213 673 682 1993 EJBCAI IX 0014-2956 0262 ? 8477741 10.1111/j.1432-1033.1993.tb17807.x 
1       'Crystal Structure Analysis of an A(DNA) Octamer d(GTACGTAC)'                                                
'Acta Crystallogr.,Sect.A' 46  9   ?   1990 ACACEQ DK 0108-7673 0621 ? ?       ?                                  
# 
loop_
_citation_author.citation_id 
_citation_author.name 
_citation_author.ordinal 
_citation_author.identifier_ORCID 
primary 
;Langlois d'Estaintot, B.
;
1  ? 
primary 'Dautant, A.'              2  ? 
primary 'Courseille, C.'           3  ? 
primary 'Precigoux, G.'            4  ? 
1       'Courseille, C.'           5  ? 
1       'Dautant, A.'              6  ? 
1       'Hospital, M.'             7  ? 
1       
;Langlois D'Estaintot, B.
;
8  ? 
1       'Precigoux, G.'            9  ? 
1       'Molko, D.'                10 ? 
1       'Teoule, R.'               11 ? 
# 
loop_
_entity.id 
_entity.type 
_entity.src_method 
_entity.pdbx_description 
_entity.formula_weight 
_entity.pdbx_number_of_molecules 
_entity.pdbx_ec 
_entity.pdbx_mutation 
_entity.pdbx_fragment 
_entity.details 
1 polymer syn 
;DNA (5'-D(*GP*TP*AP*CP*GP*TP*AP*C)-3')
;
2426.617 2  ? ? ? ? 
2 water   nat water                                    18.015   66 ? ? ? ? 
# 
_entity_poly.entity_id                      1 
_entity_poly.type                           polydeoxyribonucleotide 
_entity_poly.nstd_linkage                   no 
_entity_poly.nstd_monomer                   no 
_entity_poly.pdbx_seq_one_letter_code       '(DG)(DT)(DA)(DC)(DG)(DT)(DA)(DC)' 
_entity_poly.pdbx_seq_one_letter_code_can   GTACGTAC 
_entity_poly.pdbx_strand_id                 A,B 
_entity_poly.pdbx_target_identifier         ? 
# 
_pdbx_entity_nonpoly.entity_id   2 
_pdbx_entity_nonpoly.name        water 
_pdbx_entity_nonpoly.comp_id     HOH 
# 
loop_
_entity_poly_seq.entity_id 
_entity_poly_seq.num 
_entity_poly_seq.mon_id 
_entity_poly_seq.hetero 
1 1 DG n 
1 2 DT n 
1 3 DA n 
1 4 DC n 
1 5 DG n 
1 6 DT n 
1 7 DA n 
1 8 DC n 
# 
loop_
_chem_comp.id 
_chem_comp.type 
_chem_comp.mon_nstd_flag 
_chem_comp.name 
_chem_comp.pdbx_synonyms 
_chem_comp.formula 
_chem_comp.formula_weight 
DA  'DNA linking' y "2'-DEOXYADENOSINE-5'-MONOPHOSPHATE" ? 'C10 H14 N5 O6 P' 331.222 
DC  'DNA linking' y "2'-DEOXYCYTIDINE-5'-MONOPHOSPHATE"  ? 'C9 H14 N3 O7 P'  307.197 
DG  'DNA linking' y "2'-DEOXYGUANOSINE-5'-MONOPHOSPHATE" ? 'C10 H14 N5 O7 P' 347.221 
DT  'DNA linking' y "THYMIDINE-5'-MONOPHOSPHATE"         ? 'C10 H15 N2 O8 P' 322.208 
HOH non-polymer   . WATER                                ? 'H2 O'            18.015  
# 
loop_
_pdbx_poly_seq_scheme.asym_id 
_pdbx_poly_seq_scheme.entity_id 
_pdbx_poly_seq_scheme.seq_id 
_pdbx_poly_seq_scheme.mon_id 
_pdbx_poly_seq_scheme.ndb_seq_num 
_pdbx_poly_seq_scheme.pdb_seq_num 
_pdbx_poly_seq_scheme.auth_seq_num 
_pdbx_poly_seq_scheme.pdb_mon_id 
_pdbx_poly_seq_scheme.auth_mon_id 
_pdbx_poly_seq_scheme.pdb_strand_id 
_pdbx_poly_seq_scheme.pdb_ins_code 
_pdbx_poly_seq_scheme.hetero 
A 1 1 DG 1 1  1  DG G A . n 
A 1 2 DT 2 2  2  DT T A . n 
A 1 3 DA 3 3  3  DA A A . n 
A 1 4 DC 4 4  4  DC C A . n 
A 1 5 DG 5 5  5  DG G A . n 
A 1 6 DT 6 6  6  DT T A . n 
A 1 7 DA 7 7  7  DA A A . n 
A 1 8 DC 8 8  8  DC C A . n 
B 1 1 DG 1 9  9  DG G B . n 
B 1 2 DT 2 10 10 DT T B . n 
B 1 3 DA 3 11 11 DA A B . n 
B 1 4 DC 4 12 12 DC C B . n 
B 1 5 DG 5 13 13 DG G B . n 
B 1 6 DT 6 14 14 DT T B . n 
B 1 7 DA 7 15 15 DA A B . n 
B 1 8 DC 8 16 16 DC C B . n 
# 
loop_
_pdbx_nonpoly_scheme.asym_id 
_pdbx_nonpoly_scheme.entity_id 
_pdbx_nonpoly_scheme.mon_id 
_pdbx_nonpoly_scheme.ndb_seq_num 
_pdbx_nonpoly_scheme.pdb_seq_num 
_pdbx_nonpoly_scheme.auth_seq_num 
_pdbx_nonpoly_scheme.pdb_mon_id 
_pdbx_nonpoly_scheme.auth_mon_id 
_pdbx_nonpoly_scheme.pdb_strand_id 
_pdbx_nonpoly_scheme.pdb_ins_code 
C 2 HOH 1  17 17 HOH HOH A . 
C 2 HOH 2  18 18 HOH HOH A . 
C 2 HOH 3  23 23 HOH HOH A . 
C 2 HOH 4  26 26 HOH HOH A . 
C 2 HOH 5  29 29 HOH HOH A . 
C 2 HOH 6  30 30 HOH HOH A . 
C 2 HOH 7  31 31 HOH HOH A . 
C 2 HOH 8  32 32 HOH HOH A . 
C 2 HOH 9  34 34 HOH HOH A . 
C 2 HOH 10 36 36 HOH HOH A . 
C 2 HOH 11 37 37 HOH HOH A . 
C 2 HOH 12 40 40 HOH HOH A . 
C 2 HOH 13 42 42 HOH HOH A . 
C 2 HOH 14 44 44 HOH HOH A . 
C 2 HOH 15 47 47 HOH HOH A . 
C 2 HOH 16 48 48 HOH HOH A . 
C 2 HOH 17 49 49 HOH HOH A . 
C 2 HOH 18 52 52 HOH HOH A . 
C 2 HOH 19 54 54 HOH HOH A . 
C 2 HOH 20 56 56 HOH HOH A . 
C 2 HOH 21 57 57 HOH HOH A . 
C 2 HOH 22 61 61 HOH HOH A . 
C 2 HOH 23 62 62 HOH HOH A . 
C 2 HOH 24 63 63 HOH HOH A . 
C 2 HOH 25 64 64 HOH HOH A . 
C 2 HOH 26 65 65 HOH HOH A . 
C 2 HOH 27 69 69 HOH HOH A . 
C 2 HOH 28 70 70 HOH HOH A . 
C 2 HOH 29 73 73 HOH HOH A . 
C 2 HOH 30 76 76 HOH HOH A . 
C 2 HOH 31 78 78 HOH HOH A . 
C 2 HOH 32 79 79 HOH HOH A . 
C 2 HOH 33 81 81 HOH HOH A . 
D 2 HOH 1  19 19 HOH HOH B . 
D 2 HOH 2  20 20 HOH HOH B . 
D 2 HOH 3  21 21 HOH HOH B . 
D 2 HOH 4  22 22 HOH HOH B . 
D 2 HOH 5  24 24 HOH HOH B . 
D 2 HOH 6  25 25 HOH HOH B . 
D 2 HOH 7  27 27 HOH HOH B . 
D 2 HOH 8  28 28 HOH HOH B . 
D 2 HOH 9  33 33 HOH HOH B . 
D 2 HOH 10 35 35 HOH HOH B . 
D 2 HOH 11 38 38 HOH HOH B . 
D 2 HOH 12 39 39 HOH HOH B . 
D 2 HOH 13 41 41 HOH HOH B . 
D 2 HOH 14 43 43 HOH HOH B . 
D 2 HOH 15 45 45 HOH HOH B . 
D 2 HOH 16 46 46 HOH HOH B . 
D 2 HOH 17 50 50 HOH HOH B . 
D 2 HOH 18 51 51 HOH HOH B . 
D 2 HOH 19 53 53 HOH HOH B . 
D 2 HOH 20 55 55 HOH HOH B . 
D 2 HOH 21 58 58 HOH HOH B . 
D 2 HOH 22 59 59 HOH HOH B . 
D 2 HOH 23 60 60 HOH HOH B . 
D 2 HOH 24 66 66 HOH HOH B . 
D 2 HOH 25 67 67 HOH HOH B . 
D 2 HOH 26 68 68 HOH HOH B . 
D 2 HOH 27 71 71 HOH HOH B . 
D 2 HOH 28 72 72 HOH HOH B . 
D 2 HOH 29 74 74 HOH HOH B . 
D 2 HOH 30 75 75 HOH HOH B . 
D 2 HOH 31 77 77 HOH HOH B . 
D 2 HOH 32 80 80 HOH HOH B . 
D 2 HOH 33 82 82 HOH HOH B . 
# 
_software.name             NUCLSQ 
_software.classification   refinement 
_software.version          . 
_software.citation_id      ? 
_software.pdbx_ordinal     1 
# 
_cell.entry_id           197D 
_cell.length_a           38.605 
_cell.length_b           50.824 
_cell.length_c           21.740 
_cell.angle_alpha        90.00 
_cell.angle_beta         90.00 
_cell.angle_gamma        90.00 
_cell.Z_PDB              8 
_cell.pdbx_unique_axis   ? 
# 
_symmetry.entry_id                         197D 
_symmetry.space_group_name_H-M             'P 21 21 2' 
_symmetry.pdbx_full_space_group_name_H-M   ? 
_symmetry.cell_setting                     ? 
_symmetry.Int_Tables_number                18 
# 
_exptl.entry_id          197D 
_exptl.method            'X-RAY DIFFRACTION' 
_exptl.crystals_number   ? 
# 
_exptl_crystal.id                    1 
_exptl_crystal.density_meas          ? 
_exptl_crystal.density_Matthews      2.20 
_exptl_crystal.density_percent_sol   44.02 
_exptl_crystal.description           ? 
# 
_exptl_crystal_grow.crystal_id      1 
_exptl_crystal_grow.method          'VAPOR DIFFUSION, SITTING DROP' 
_exptl_crystal_grow.temp            ? 
_exptl_crystal_grow.temp_details    'ROOM TEMPERATURE' 
_exptl_crystal_grow.pH              6.00 
_exptl_crystal_grow.pdbx_details    'pH 6.00, VAPOR DIFFUSION, SITTING DROP' 
_exptl_crystal_grow.pdbx_pH_range   ? 
# 
loop_
_exptl_crystal_grow_comp.crystal_id 
_exptl_crystal_grow_comp.id 
_exptl_crystal_grow_comp.sol_id 
_exptl_crystal_grow_comp.name 
_exptl_crystal_grow_comp.volume 
_exptl_crystal_grow_comp.conc 
_exptl_crystal_grow_comp.details 
1 1 1 WATER           ? ? ? 
1 2 1 HMD             ? ? ? 
1 3 1 'NA CACODYLATE' ? ? ? 
1 4 1 MGCL2           ? ? ? 
1 5 1 SPERMINE_HCL    ? ? ? 
1 6 2 WATER           ? ? ? 
1 7 2 MPD             ? ? ? 
# 
_diffrn.id                     1 
_diffrn.crystal_id             1 
_diffrn.ambient_temp           ? 
_diffrn.ambient_temp_details   ? 
# 
_diffrn_detector.diffrn_id              1 
_diffrn_detector.detector               'AREA DETECTOR' 
_diffrn_detector.type                   SIEMENS-NICOLET 
_diffrn_detector.pdbx_collection_date   ? 
_diffrn_detector.details                ? 
# 
_diffrn_radiation.diffrn_id                        1 
_diffrn_radiation.wavelength_id                    1 
_diffrn_radiation.pdbx_monochromatic_or_laue_m_l   ? 
_diffrn_radiation.monochromator                    ? 
_diffrn_radiation.pdbx_diffrn_protocol             ? 
_diffrn_radiation.pdbx_scattering_type             x-ray 
# 
_diffrn_radiation_wavelength.id           1 
_diffrn_radiation_wavelength.wavelength   . 
_diffrn_radiation_wavelength.wt           1.0 
# 
_diffrn_source.diffrn_id                   1 
_diffrn_source.source                      'ROTATING ANODE' 
_diffrn_source.type                        SIEMENS 
_diffrn_source.pdbx_synchrotron_site       ? 
_diffrn_source.pdbx_synchrotron_beamline   ? 
_diffrn_source.pdbx_wavelength             ? 
_diffrn_source.pdbx_wavelength_list        ? 
# 
_reflns.entry_id                     197D 
_reflns.observed_criterion_sigma_I   ? 
_reflns.observed_criterion_sigma_F   ? 
_reflns.d_resolution_low             ? 
_reflns.d_resolution_high            2.190 
_reflns.number_obs                   ? 
_reflns.number_all                   4465 
_reflns.percent_possible_obs         ? 
_reflns.pdbx_Rmerge_I_obs            ? 
_reflns.pdbx_Rsym_value              ? 
_reflns.pdbx_netI_over_sigmaI        ? 
_reflns.B_iso_Wilson_estimate        ? 
_reflns.pdbx_redundancy              ? 
_reflns.pdbx_diffrn_id               1 
_reflns.pdbx_ordinal                 1 
# 
_refine.entry_id                                 197D 
_refine.ls_number_reflns_obs                     1516 
_refine.ls_number_reflns_all                     ? 
_refine.pdbx_ls_sigma_I                          ? 
_refine.pdbx_ls_sigma_F                          4.000 
_refine.pdbx_data_cutoff_high_absF               ? 
_refine.pdbx_data_cutoff_low_absF                ? 
_refine.pdbx_data_cutoff_high_rms_absF           ? 
_refine.ls_d_res_low                             10.000 
_refine.ls_d_res_high                            2.190 
_refine.ls_percent_reflns_obs                    ? 
_refine.ls_R_factor_obs                          0.1610000 
_refine.ls_R_factor_all                          ? 
_refine.ls_R_factor_R_work                       ? 
_refine.ls_R_factor_R_free                       ? 
_refine.ls_R_factor_R_free_error                 ? 
_refine.ls_R_factor_R_free_error_details         ? 
_refine.ls_percent_reflns_R_free                 ? 
_refine.ls_number_reflns_R_free                  ? 
_refine.ls_number_parameters                     ? 
_refine.ls_number_restraints                     ? 
_refine.occupancy_min                            ? 
_refine.occupancy_max                            ? 
_refine.B_iso_mean                               ? 
_refine.aniso_B[1][1]                            ? 
_refine.aniso_B[2][2]                            ? 
_refine.aniso_B[3][3]                            ? 
_refine.aniso_B[1][2]                            ? 
_refine.aniso_B[1][3]                            ? 
_refine.aniso_B[2][3]                            ? 
_refine.solvent_model_details                    ? 
_refine.solvent_model_param_ksol                 ? 
_refine.solvent_model_param_bsol                 ? 
_refine.pdbx_ls_cross_valid_method               ? 
_refine.details                                  ? 
_refine.pdbx_starting_model                      ? 
_refine.pdbx_method_to_determine_struct          ? 
_refine.pdbx_isotropic_thermal_model             ? 
_refine.pdbx_stereochemistry_target_values       ? 
_refine.pdbx_stereochem_target_val_spec_case     ? 
_refine.pdbx_R_Free_selection_details            ? 
_refine.pdbx_overall_ESU_R                       ? 
_refine.pdbx_overall_ESU_R_Free                  ? 
_refine.overall_SU_ML                            ? 
_refine.overall_SU_B                             ? 
_refine.pdbx_refine_id                           'X-RAY DIFFRACTION' 
_refine.pdbx_diffrn_id                           1 
_refine.pdbx_TLS_residual_ADP_flag               ? 
_refine.correlation_coeff_Fo_to_Fc               ? 
_refine.correlation_coeff_Fo_to_Fc_free          ? 
_refine.pdbx_solvent_vdw_probe_radii             ? 
_refine.pdbx_solvent_ion_probe_radii             ? 
_refine.pdbx_solvent_shrinkage_radii             ? 
_refine.pdbx_overall_phase_error                 ? 
_refine.overall_SU_R_Cruickshank_DPI             ? 
_refine.pdbx_overall_SU_R_free_Cruickshank_DPI   ? 
_refine.pdbx_overall_SU_R_Blow_DPI               ? 
_refine.pdbx_overall_SU_R_free_Blow_DPI          ? 
# 
_refine_hist.pdbx_refine_id                   'X-RAY DIFFRACTION' 
_refine_hist.cycle_id                         LAST 
_refine_hist.pdbx_number_atoms_protein        0 
_refine_hist.pdbx_number_atoms_nucleic_acid   322 
_refine_hist.pdbx_number_atoms_ligand         0 
_refine_hist.number_atoms_solvent             66 
_refine_hist.number_atoms_total               388 
_refine_hist.d_res_high                       2.190 
_refine_hist.d_res_low                        10.000 
# 
loop_
_refine_ls_restr.type 
_refine_ls_restr.dev_ideal 
_refine_ls_restr.dev_ideal_target 
_refine_ls_restr.weight 
_refine_ls_restr.number 
_refine_ls_restr.pdbx_refine_id 
_refine_ls_restr.pdbx_restraint_function 
n_bond_d               ?     ?     ? ? 'X-RAY DIFFRACTION' ? 
n_angle_d              ?     ?     ? ? 'X-RAY DIFFRACTION' ? 
n_planar_d             ?     ?     ? ? 'X-RAY DIFFRACTION' ? 
n_hb_or_metal_coord    ?     ?     ? ? 'X-RAY DIFFRACTION' ? 
n_sugar_bond_it        ?     ?     ? ? 'X-RAY DIFFRACTION' ? 
n_sugar_angle_it       ?     ?     ? ? 'X-RAY DIFFRACTION' ? 
n_phos_bond_it         ?     ?     ? ? 'X-RAY DIFFRACTION' ? 
n_phos_angle_it        ?     ?     ? ? 'X-RAY DIFFRACTION' ? 
n_bond_angle_restr     ?     ?     ? ? 'X-RAY DIFFRACTION' ? 
n_dihedral_angle_restr ?     ?     ? ? 'X-RAY DIFFRACTION' ? 
n_impr_tor             ?     ?     ? ? 'X-RAY DIFFRACTION' ? 
n_sugar_bond_d         0.017 0.025 ? ? 'X-RAY DIFFRACTION' ? 
n_sugar_bond_angle_d   0.043 0.050 ? ? 'X-RAY DIFFRACTION' ? 
n_phos_bond_d          0.058 0.040 ? ? 'X-RAY DIFFRACTION' ? 
n_phos_bond_angle_d    0.048 0.050 ? ? 'X-RAY DIFFRACTION' ? 
n_plane_restr          0.030 0.030 ? ? 'X-RAY DIFFRACTION' ? 
n_chiral_restr         ?     ?     ? ? 'X-RAY DIFFRACTION' ? 
n_singtor_nbd          0.113 0.062 ? ? 'X-RAY DIFFRACTION' ? 
n_multtor_nbd          0.150 0.062 ? ? 'X-RAY DIFFRACTION' ? 
n_xhyhbond_nbd         ?     ?     ? ? 'X-RAY DIFFRACTION' ? 
# 
_struct.entry_id                  197D 
_struct.title                     
'ORTHORHOMBIC CRYSTAL STRUCTURE OF THE A-DNA OCTAMER D(GTACGTAC). COMPARISON WITH THE TETRAGONAL STRUCTURE' 
_struct.pdbx_model_details        ? 
_struct.pdbx_CASP_flag            ? 
_struct.pdbx_model_type_details   ? 
# 
_struct_keywords.entry_id        197D 
_struct_keywords.pdbx_keywords   DNA 
_struct_keywords.text            'A-DNA, DOUBLE HELIX, DNA' 
# 
loop_
_struct_asym.id 
_struct_asym.pdbx_blank_PDB_chainid_flag 
_struct_asym.pdbx_modified 
_struct_asym.entity_id 
_struct_asym.details 
A N N 1 ? 
B N N 1 ? 
C N N 2 ? 
D N N 2 ? 
# 
_struct_ref.id                         1 
_struct_ref.entity_id                  1 
_struct_ref.db_name                    PDB 
_struct_ref.db_code                    197D 
_struct_ref.pdbx_db_accession          197D 
_struct_ref.pdbx_db_isoform            ? 
_struct_ref.pdbx_seq_one_letter_code   ? 
_struct_ref.pdbx_align_begin           ? 
# 
loop_
_struct_ref_seq.align_id 
_struct_ref_seq.ref_id 
_struct_ref_seq.pdbx_PDB_id_code 
_struct_ref_seq.pdbx_strand_id 
_struct_ref_seq.seq_align_beg 
_struct_ref_seq.pdbx_seq_align_beg_ins_code 
_struct_ref_seq.seq_align_end 
_struct_ref_seq.pdbx_seq_align_end_ins_code 
_struct_ref_seq.pdbx_db_accession 
_struct_ref_seq.db_align_beg 
_struct_ref_seq.pdbx_db_align_beg_ins_code 
_struct_ref_seq.db_align_end 
_struct_ref_seq.pdbx_db_align_end_ins_code 
_struct_ref_seq.pdbx_auth_seq_align_beg 
_struct_ref_seq.pdbx_auth_seq_align_end 
1 1 197D A 1 ? 8 ? 197D 1 ? 8  ? 1 8  
2 1 197D B 1 ? 8 ? 197D 9 ? 16 ? 9 16 
# 
_pdbx_struct_assembly.id                   1 
_pdbx_struct_assembly.details              author_defined_assembly 
_pdbx_struct_assembly.method_details       ? 
_pdbx_struct_assembly.oligomeric_details   dimeric 
_pdbx_struct_assembly.oligomeric_count     2 
# 
_pdbx_struct_assembly_gen.assembly_id       1 
_pdbx_struct_assembly_gen.oper_expression   1 
_pdbx_struct_assembly_gen.asym_id_list      A,B,C,D 
# 
_pdbx_struct_oper_list.id                   1 
_pdbx_struct_oper_list.type                 'identity operation' 
_pdbx_struct_oper_list.name                 1_555 
_pdbx_struct_oper_list.symmetry_operation   x,y,z 
_pdbx_struct_oper_list.matrix[1][1]         1.0000000000 
_pdbx_struct_oper_list.matrix[1][2]         0.0000000000 
_pdbx_struct_oper_list.matrix[1][3]         0.0000000000 
_pdbx_struct_oper_list.vector[1]            0.0000000000 
_pdbx_struct_oper_list.matrix[2][1]         0.0000000000 
_pdbx_struct_oper_list.matrix[2][2]         1.0000000000 
_pdbx_struct_oper_list.matrix[2][3]         0.0000000000 
_pdbx_struct_oper_list.vector[2]            0.0000000000 
_pdbx_struct_oper_list.matrix[3][1]         0.0000000000 
_pdbx_struct_oper_list.matrix[3][2]         0.0000000000 
_pdbx_struct_oper_list.matrix[3][3]         1.0000000000 
_pdbx_struct_oper_list.vector[3]            0.0000000000 
# 
_struct_biol.id   1 
# 
loop_
_struct_conn.id 
_struct_conn.conn_type_id 
_struct_conn.pdbx_leaving_atom_flag 
_struct_conn.pdbx_PDB_id 
_struct_conn.ptnr1_label_asym_id 
_struct_conn.ptnr1_label_comp_id 
_struct_conn.ptnr1_label_seq_id 
_struct_conn.ptnr1_label_atom_id 
_struct_conn.pdbx_ptnr1_label_alt_id 
_struct_conn.pdbx_ptnr1_PDB_ins_code 
_struct_conn.pdbx_ptnr1_standard_comp_id 
_struct_conn.ptnr1_symmetry 
_struct_conn.ptnr2_label_asym_id 
_struct_conn.ptnr2_label_comp_id 
_struct_conn.ptnr2_label_seq_id 
_struct_conn.ptnr2_label_atom_id 
_struct_conn.pdbx_ptnr2_label_alt_id 
_struct_conn.pdbx_ptnr2_PDB_ins_code 
_struct_conn.ptnr1_auth_asym_id 
_struct_conn.ptnr1_auth_comp_id 
_struct_conn.ptnr1_auth_seq_id 
_struct_conn.ptnr2_auth_asym_id 
_struct_conn.ptnr2_auth_comp_id 
_struct_conn.ptnr2_auth_seq_id 
_struct_conn.ptnr2_symmetry 
_struct_conn.pdbx_ptnr3_label_atom_id 
_struct_conn.pdbx_ptnr3_label_seq_id 
_struct_conn.pdbx_ptnr3_label_comp_id 
_struct_conn.pdbx_ptnr3_label_asym_id 
_struct_conn.pdbx_ptnr3_label_alt_id 
_struct_conn.pdbx_ptnr3_PDB_ins_code 
_struct_conn.details 
_struct_conn.pdbx_dist_value 
_struct_conn.pdbx_value_order 
_struct_conn.pdbx_role 
hydrog1  hydrog ? ? A DG 1 N1 ? ? ? 1_555 B DC 8 N3 ? ? A DG 1 B DC 16 1_555 ? ? ? ? ? ? WATSON-CRICK ? ? ? 
hydrog2  hydrog ? ? A DG 1 N2 ? ? ? 1_555 B DC 8 O2 ? ? A DG 1 B DC 16 1_555 ? ? ? ? ? ? WATSON-CRICK ? ? ? 
hydrog3  hydrog ? ? A DG 1 O6 ? ? ? 1_555 B DC 8 N4 ? ? A DG 1 B DC 16 1_555 ? ? ? ? ? ? WATSON-CRICK ? ? ? 
hydrog4  hydrog ? ? A DT 2 N3 ? ? ? 1_555 B DA 7 N1 ? ? A DT 2 B DA 15 1_555 ? ? ? ? ? ? WATSON-CRICK ? ? ? 
hydrog5  hydrog ? ? A DT 2 O4 ? ? ? 1_555 B DA 7 N6 ? ? A DT 2 B DA 15 1_555 ? ? ? ? ? ? WATSON-CRICK ? ? ? 
hydrog6  hydrog ? ? A DA 3 N1 ? ? ? 1_555 B DT 6 N3 ? ? A DA 3 B DT 14 1_555 ? ? ? ? ? ? WATSON-CRICK ? ? ? 
hydrog7  hydrog ? ? A DA 3 N6 ? ? ? 1_555 B DT 6 O4 ? ? A DA 3 B DT 14 1_555 ? ? ? ? ? ? WATSON-CRICK ? ? ? 
hydrog8  hydrog ? ? A DC 4 N3 ? ? ? 1_555 B DG 5 N1 ? ? A DC 4 B DG 13 1_555 ? ? ? ? ? ? WATSON-CRICK ? ? ? 
hydrog9  hydrog ? ? A DC 4 N4 ? ? ? 1_555 B DG 5 O6 ? ? A DC 4 B DG 13 1_555 ? ? ? ? ? ? WATSON-CRICK ? ? ? 
hydrog10 hydrog ? ? A DC 4 O2 ? ? ? 1_555 B DG 5 N2 ? ? A DC 4 B DG 13 1_555 ? ? ? ? ? ? WATSON-CRICK ? ? ? 
hydrog11 hydrog ? ? A DG 5 N1 ? ? ? 1_555 B DC 4 N3 ? ? A DG 5 B DC 12 1_555 ? ? ? ? ? ? WATSON-CRICK ? ? ? 
hydrog12 hydrog ? ? A DG 5 N2 ? ? ? 1_555 B DC 4 O2 ? ? A DG 5 B DC 12 1_555 ? ? ? ? ? ? WATSON-CRICK ? ? ? 
hydrog13 hydrog ? ? A DG 5 O6 ? ? ? 1_555 B DC 4 N4 ? ? A DG 5 B DC 12 1_555 ? ? ? ? ? ? WATSON-CRICK ? ? ? 
hydrog14 hydrog ? ? A DT 6 N3 ? ? ? 1_555 B DA 3 N1 ? ? A DT 6 B DA 11 1_555 ? ? ? ? ? ? WATSON-CRICK ? ? ? 
hydrog15 hydrog ? ? A DT 6 O4 ? ? ? 1_555 B DA 3 N6 ? ? A DT 6 B DA 11 1_555 ? ? ? ? ? ? WATSON-CRICK ? ? ? 
hydrog16 hydrog ? ? A DA 7 N1 ? ? ? 1_555 B DT 2 N3 ? ? A DA 7 B DT 10 1_555 ? ? ? ? ? ? WATSON-CRICK ? ? ? 
hydrog17 hydrog ? ? A DA 7 N6 ? ? ? 1_555 B DT 2 O4 ? ? A DA 7 B DT 10 1_555 ? ? ? ? ? ? WATSON-CRICK ? ? ? 
hydrog18 hydrog ? ? A DC 8 N3 ? ? ? 1_555 B DG 1 N1 ? ? A DC 8 B DG 9  1_555 ? ? ? ? ? ? WATSON-CRICK ? ? ? 
hydrog19 hydrog ? ? A DC 8 N4 ? ? ? 1_555 B DG 1 O6 ? ? A DC 8 B DG 9  1_555 ? ? ? ? ? ? WATSON-CRICK ? ? ? 
hydrog20 hydrog ? ? A DC 8 O2 ? ? ? 1_555 B DG 1 N2 ? ? A DC 8 B DG 9  1_555 ? ? ? ? ? ? WATSON-CRICK ? ? ? 
# 
_struct_conn_type.id          hydrog 
_struct_conn_type.criteria    ? 
_struct_conn_type.reference   ? 
# 
loop_
_pdbx_validate_rmsd_bond.id 
_pdbx_validate_rmsd_bond.PDB_model_num 
_pdbx_validate_rmsd_bond.auth_atom_id_1 
_pdbx_validate_rmsd_bond.auth_asym_id_1 
_pdbx_validate_rmsd_bond.auth_comp_id_1 
_pdbx_validate_rmsd_bond.auth_seq_id_1 
_pdbx_validate_rmsd_bond.PDB_ins_code_1 
_pdbx_validate_rmsd_bond.label_alt_id_1 
_pdbx_validate_rmsd_bond.auth_atom_id_2 
_pdbx_validate_rmsd_bond.auth_asym_id_2 
_pdbx_validate_rmsd_bond.auth_comp_id_2 
_pdbx_validate_rmsd_bond.auth_seq_id_2 
_pdbx_validate_rmsd_bond.PDB_ins_code_2 
_pdbx_validate_rmsd_bond.label_alt_id_2 
_pdbx_validate_rmsd_bond.bond_value 
_pdbx_validate_rmsd_bond.bond_target_value 
_pdbx_validate_rmsd_bond.bond_deviation 
_pdbx_validate_rmsd_bond.bond_standard_deviation 
_pdbx_validate_rmsd_bond.linker_flag 
1 1 "O4'" A DT 6 ? ? "C4'" A DT 6 ? ? 1.369 1.446 -0.077 0.010 N 
2 1 P     A DC 8 ? ? "O5'" A DC 8 ? ? 1.674 1.593 0.081  0.010 N 
# 
loop_
_pdbx_validate_rmsd_angle.id 
_pdbx_validate_rmsd_angle.PDB_model_num 
_pdbx_validate_rmsd_angle.auth_atom_id_1 
_pdbx_validate_rmsd_angle.auth_asym_id_1 
_pdbx_validate_rmsd_angle.auth_comp_id_1 
_pdbx_validate_rmsd_angle.auth_seq_id_1 
_pdbx_validate_rmsd_angle.PDB_ins_code_1 
_pdbx_validate_rmsd_angle.label_alt_id_1 
_pdbx_validate_rmsd_angle.auth_atom_id_2 
_pdbx_validate_rmsd_angle.auth_asym_id_2 
_pdbx_validate_rmsd_angle.auth_comp_id_2 
_pdbx_validate_rmsd_angle.auth_seq_id_2 
_pdbx_validate_rmsd_angle.PDB_ins_code_2 
_pdbx_validate_rmsd_angle.label_alt_id_2 
_pdbx_validate_rmsd_angle.auth_atom_id_3 
_pdbx_validate_rmsd_angle.auth_asym_id_3 
_pdbx_validate_rmsd_angle.auth_comp_id_3 
_pdbx_validate_rmsd_angle.auth_seq_id_3 
_pdbx_validate_rmsd_angle.PDB_ins_code_3 
_pdbx_validate_rmsd_angle.label_alt_id_3 
_pdbx_validate_rmsd_angle.angle_value 
_pdbx_validate_rmsd_angle.angle_target_value 
_pdbx_validate_rmsd_angle.angle_deviation 
_pdbx_validate_rmsd_angle.angle_standard_deviation 
_pdbx_validate_rmsd_angle.linker_flag 
1  1 "C5'" A DT 2  ? ? "C4'" A DT 2  ? ? "O4'" A DT 2  ? ? 116.43 109.80 6.63   1.10 N 
2  1 N3    A DT 2  ? ? C4    A DT 2  ? ? O4    A DT 2  ? ? 123.98 119.90 4.08   0.60 N 
3  1 C5    A DT 2  ? ? C4    A DT 2  ? ? O4    A DT 2  ? ? 119.94 124.90 -4.96  0.70 N 
4  1 "O5'" A DA 3  ? ? P     A DA 3  ? ? OP1   A DA 3  ? ? 118.39 110.70 7.69   1.20 N 
5  1 "C5'" A DA 3  ? ? "C4'" A DA 3  ? ? "O4'" A DA 3  ? ? 117.34 109.80 7.54   1.10 N 
6  1 N9    A DA 3  ? ? "C1'" A DA 3  ? ? "C2'" A DA 3  ? ? 100.12 112.60 -12.48 1.90 N 
7  1 "O4'" A DA 3  ? ? "C1'" A DA 3  ? ? N9    A DA 3  ? ? 118.24 108.30 9.94   0.30 N 
8  1 C6    A DA 3  ? ? N1    A DA 3  ? ? C2    A DA 3  ? ? 125.93 118.60 7.33   0.60 N 
9  1 N1    A DA 3  ? ? C2    A DA 3  ? ? N3    A DA 3  ? ? 123.71 129.30 -5.59  0.50 N 
10 1 C5    A DA 3  ? ? C6    A DA 3  ? ? N1    A DA 3  ? ? 113.59 117.70 -4.11  0.50 N 
11 1 "O4'" A DC 4  ? ? "C1'" A DC 4  ? ? N1    A DC 4  ? ? 113.14 108.30 4.84   0.30 N 
12 1 C2    A DC 4  ? ? N3    A DC 4  ? ? C4    A DC 4  ? ? 123.97 119.90 4.07   0.50 N 
13 1 N3    A DC 4  ? ? C4    A DC 4  ? ? C5    A DC 4  ? ? 118.09 121.90 -3.81  0.40 N 
14 1 N1    A DC 4  ? ? C2    A DC 4  ? ? O2    A DC 4  ? ? 124.68 118.90 5.78   0.60 N 
15 1 N3    A DC 4  ? ? C2    A DC 4  ? ? O2    A DC 4  ? ? 117.49 121.90 -4.41  0.70 N 
16 1 N3    A DC 4  ? ? C4    A DC 4  ? ? N4    A DC 4  ? ? 123.46 118.00 5.46   0.70 N 
17 1 "O5'" A DG 5  ? ? P     A DG 5  ? ? OP1   A DG 5  ? ? 119.82 110.70 9.12   1.20 N 
18 1 "O4'" A DG 5  ? ? "C1'" A DG 5  ? ? N9    A DG 5  ? ? 111.66 108.30 3.36   0.30 N 
19 1 "O3'" A DG 5  ? ? P     A DT 6  ? ? OP2   A DT 6  ? ? 117.65 110.50 7.15   1.10 Y 
20 1 "C1'" A DT 6  ? ? "O4'" A DT 6  ? ? "C4'" A DT 6  ? ? 115.43 110.30 5.13   0.70 N 
21 1 "O4'" A DT 6  ? ? "C1'" A DT 6  ? ? N1    A DT 6  ? ? 110.97 108.30 2.67   0.30 N 
22 1 "O4'" A DA 7  ? ? "C1'" A DA 7  ? ? N9    A DA 7  ? ? 117.45 108.30 9.15   0.30 N 
23 1 C6    A DA 7  ? ? N1    A DA 7  ? ? C2    A DA 7  ? ? 122.81 118.60 4.21   0.60 N 
24 1 N1    A DA 7  ? ? C2    A DA 7  ? ? N3    A DA 7  ? ? 125.03 129.30 -4.27  0.50 N 
25 1 C5    A DA 7  ? ? C6    A DA 7  ? ? N1    A DA 7  ? ? 114.67 117.70 -3.03  0.50 N 
26 1 "C3'" A DA 7  ? ? "O3'" A DA 7  ? ? P     A DC 8  ? ? 133.57 119.70 13.87  1.20 Y 
27 1 "O3'" A DA 7  ? ? P     A DC 8  ? ? OP2   A DC 8  ? ? 120.14 110.50 9.64   1.10 Y 
28 1 "O4'" A DC 8  ? ? "C1'" A DC 8  ? ? N1    A DC 8  ? ? 121.97 108.30 13.67  0.30 N 
29 1 "O5'" B DG 9  ? ? "C5'" B DG 9  ? ? "C4'" B DG 9  ? ? 104.50 109.40 -4.90  0.80 N 
30 1 "O4'" B DG 9  ? ? "C1'" B DG 9  ? ? N9    B DG 9  ? ? 110.52 108.30 2.22   0.30 N 
31 1 "C5'" B DT 10 ? ? "C4'" B DT 10 ? ? "O4'" B DT 10 ? ? 120.81 109.80 11.01  1.10 N 
32 1 "C1'" B DT 10 ? ? "O4'" B DT 10 ? ? "C4'" B DT 10 ? ? 114.53 110.30 4.23   0.70 N 
33 1 "O4'" B DT 10 ? ? "C1'" B DT 10 ? ? N1    B DT 10 ? ? 111.69 108.30 3.39   0.30 N 
34 1 N3    B DT 10 ? ? C4    B DT 10 ? ? O4    B DT 10 ? ? 115.61 119.90 -4.29  0.60 N 
35 1 "O4'" B DA 11 ? ? "C1'" B DA 11 ? ? "C2'" B DA 11 ? ? 110.34 106.80 3.54   0.50 N 
36 1 C6    B DA 11 ? ? N1    B DA 11 ? ? C2    B DA 11 ? ? 123.40 118.60 4.80   0.60 N 
37 1 N1    B DA 11 ? ? C2    B DA 11 ? ? N3    B DA 11 ? ? 125.59 129.30 -3.71  0.50 N 
38 1 C5    B DA 11 ? ? C6    B DA 11 ? ? N1    B DA 11 ? ? 113.00 117.70 -4.70  0.50 N 
39 1 C6    B DC 12 ? ? N1    B DC 12 ? ? C2    B DC 12 ? ? 123.05 120.30 2.75   0.40 N 
40 1 "O5'" B DG 13 ? ? P     B DG 13 ? ? OP1   B DG 13 ? ? 118.08 110.70 7.38   1.20 N 
41 1 "C5'" B DG 13 ? ? "C4'" B DG 13 ? ? "C3'" B DG 13 ? ? 123.49 115.70 7.79   1.20 N 
42 1 "O4'" B DG 13 ? ? "C1'" B DG 13 ? ? N9    B DG 13 ? ? 111.31 108.30 3.01   0.30 N 
43 1 C6    B DA 15 ? ? N1    B DA 15 ? ? C2    B DA 15 ? ? 123.35 118.60 4.75   0.60 N 
44 1 N1    B DA 15 ? ? C2    B DA 15 ? ? N3    B DA 15 ? ? 124.37 129.30 -4.93  0.50 N 
45 1 "C3'" B DA 15 ? ? "O3'" B DA 15 ? ? P     B DC 16 ? ? 108.01 119.70 -11.69 1.20 Y 
46 1 "O4'" B DC 16 ? ? "C4'" B DC 16 ? ? "C3'" B DC 16 ? ? 109.72 106.00 3.72   0.60 N 
47 1 "O4'" B DC 16 ? ? "C1'" B DC 16 ? ? "C2'" B DC 16 ? ? 111.27 106.80 4.47   0.50 N 
48 1 "O4'" B DC 16 ? ? "C1'" B DC 16 ? ? N1    B DC 16 ? ? 116.92 108.30 8.62   0.30 N 
49 1 N1    B DC 16 ? ? C2    B DC 16 ? ? O2    B DC 16 ? ? 125.32 118.90 6.42   0.60 N 
50 1 N3    B DC 16 ? ? C2    B DC 16 ? ? O2    B DC 16 ? ? 115.05 121.90 -6.85  0.70 N 
51 1 N3    B DC 16 ? ? C4    B DC 16 ? ? N4    B DC 16 ? ? 125.77 118.00 7.77   0.70 N 
52 1 C5    B DC 16 ? ? C4    B DC 16 ? ? N4    B DC 16 ? ? 114.15 120.20 -6.05  0.70 N 
# 
loop_
_pdbx_struct_special_symmetry.id 
_pdbx_struct_special_symmetry.PDB_model_num 
_pdbx_struct_special_symmetry.auth_asym_id 
_pdbx_struct_special_symmetry.auth_comp_id 
_pdbx_struct_special_symmetry.auth_seq_id 
_pdbx_struct_special_symmetry.PDB_ins_code 
_pdbx_struct_special_symmetry.label_asym_id 
_pdbx_struct_special_symmetry.label_comp_id 
_pdbx_struct_special_symmetry.label_seq_id 
1 1 A HOH 78 ? C HOH . 
2 1 B HOH 41 ? D HOH . 
3 1 B HOH 58 ? D HOH . 
# 
loop_
_refine_B_iso.class 
_refine_B_iso.details 
_refine_B_iso.treatment 
_refine_B_iso.pdbx_refine_id 
'ALL ATOMS'  TR isotropic 'X-RAY DIFFRACTION' 
'ALL WATERS' TR isotropic 'X-RAY DIFFRACTION' 
# 
loop_
_refine_occupancy.class 
_refine_occupancy.treatment 
_refine_occupancy.pdbx_refine_id 
'ALL ATOMS'  fix 'X-RAY DIFFRACTION' 
'ALL WATERS' fix 'X-RAY DIFFRACTION' 
# 
loop_
_chem_comp_atom.comp_id 
_chem_comp_atom.atom_id 
_chem_comp_atom.type_symbol 
_chem_comp_atom.pdbx_aromatic_flag 
_chem_comp_atom.pdbx_stereo_config 
_chem_comp_atom.pdbx_ordinal 
DA  OP3    O N N 1   
DA  P      P N N 2   
DA  OP1    O N N 3   
DA  OP2    O N N 4   
DA  "O5'"  O N N 5   
DA  "C5'"  C N N 6   
DA  "C4'"  C N R 7   
DA  "O4'"  O N N 8   
DA  "C3'"  C N S 9   
DA  "O3'"  O N N 10  
DA  "C2'"  C N N 11  
DA  "C1'"  C N R 12  
DA  N9     N Y N 13  
DA  C8     C Y N 14  
DA  N7     N Y N 15  
DA  C5     C Y N 16  
DA  C6     C Y N 17  
DA  N6     N N N 18  
DA  N1     N Y N 19  
DA  C2     C Y N 20  
DA  N3     N Y N 21  
DA  C4     C Y N 22  
DA  HOP3   H N N 23  
DA  HOP2   H N N 24  
DA  "H5'"  H N N 25  
DA  "H5''" H N N 26  
DA  "H4'"  H N N 27  
DA  "H3'"  H N N 28  
DA  "HO3'" H N N 29  
DA  "H2'"  H N N 30  
DA  "H2''" H N N 31  
DA  "H1'"  H N N 32  
DA  H8     H N N 33  
DA  H61    H N N 34  
DA  H62    H N N 35  
DA  H2     H N N 36  
DC  OP3    O N N 37  
DC  P      P N N 38  
DC  OP1    O N N 39  
DC  OP2    O N N 40  
DC  "O5'"  O N N 41  
DC  "C5'"  C N N 42  
DC  "C4'"  C N R 43  
DC  "O4'"  O N N 44  
DC  "C3'"  C N S 45  
DC  "O3'"  O N N 46  
DC  "C2'"  C N N 47  
DC  "C1'"  C N R 48  
DC  N1     N N N 49  
DC  C2     C N N 50  
DC  O2     O N N 51  
DC  N3     N N N 52  
DC  C4     C N N 53  
DC  N4     N N N 54  
DC  C5     C N N 55  
DC  C6     C N N 56  
DC  HOP3   H N N 57  
DC  HOP2   H N N 58  
DC  "H5'"  H N N 59  
DC  "H5''" H N N 60  
DC  "H4'"  H N N 61  
DC  "H3'"  H N N 62  
DC  "HO3'" H N N 63  
DC  "H2'"  H N N 64  
DC  "H2''" H N N 65  
DC  "H1'"  H N N 66  
DC  H41    H N N 67  
DC  H42    H N N 68  
DC  H5     H N N 69  
DC  H6     H N N 70  
DG  OP3    O N N 71  
DG  P      P N N 72  
DG  OP1    O N N 73  
DG  OP2    O N N 74  
DG  "O5'"  O N N 75  
DG  "C5'"  C N N 76  
DG  "C4'"  C N R 77  
DG  "O4'"  O N N 78  
DG  "C3'"  C N S 79  
DG  "O3'"  O N N 80  
DG  "C2'"  C N N 81  
DG  "C1'"  C N R 82  
DG  N9     N Y N 83  
DG  C8     C Y N 84  
DG  N7     N Y N 85  
DG  C5     C Y N 86  
DG  C6     C N N 87  
DG  O6     O N N 88  
DG  N1     N N N 89  
DG  C2     C N N 90  
DG  N2     N N N 91  
DG  N3     N N N 92  
DG  C4     C Y N 93  
DG  HOP3   H N N 94  
DG  HOP2   H N N 95  
DG  "H5'"  H N N 96  
DG  "H5''" H N N 97  
DG  "H4'"  H N N 98  
DG  "H3'"  H N N 99  
DG  "HO3'" H N N 100 
DG  "H2'"  H N N 101 
DG  "H2''" H N N 102 
DG  "H1'"  H N N 103 
DG  H8     H N N 104 
DG  H1     H N N 105 
DG  H21    H N N 106 
DG  H22    H N N 107 
DT  OP3    O N N 108 
DT  P      P N N 109 
DT  OP1    O N N 110 
DT  OP2    O N N 111 
DT  "O5'"  O N N 112 
DT  "C5'"  C N N 113 
DT  "C4'"  C N R 114 
DT  "O4'"  O N N 115 
DT  "C3'"  C N S 116 
DT  "O3'"  O N N 117 
DT  "C2'"  C N N 118 
DT  "C1'"  C N R 119 
DT  N1     N N N 120 
DT  C2     C N N 121 
DT  O2     O N N 122 
DT  N3     N N N 123 
DT  C4     C N N 124 
DT  O4     O N N 125 
DT  C5     C N N 126 
DT  C7     C N N 127 
DT  C6     C N N 128 
DT  HOP3   H N N 129 
DT  HOP2   H N N 130 
DT  "H5'"  H N N 131 
DT  "H5''" H N N 132 
DT  "H4'"  H N N 133 
DT  "H3'"  H N N 134 
DT  "HO3'" H N N 135 
DT  "H2'"  H N N 136 
DT  "H2''" H N N 137 
DT  "H1'"  H N N 138 
DT  H3     H N N 139 
DT  H71    H N N 140 
DT  H72    H N N 141 
DT  H73    H N N 142 
DT  H6     H N N 143 
HOH O      O N N 144 
HOH H1     H N N 145 
HOH H2     H N N 146 
# 
loop_
_chem_comp_bond.comp_id 
_chem_comp_bond.atom_id_1 
_chem_comp_bond.atom_id_2 
_chem_comp_bond.value_order 
_chem_comp_bond.pdbx_aromatic_flag 
_chem_comp_bond.pdbx_stereo_config 
_chem_comp_bond.pdbx_ordinal 
DA  OP3   P      sing N N 1   
DA  OP3   HOP3   sing N N 2   
DA  P     OP1    doub N N 3   
DA  P     OP2    sing N N 4   
DA  P     "O5'"  sing N N 5   
DA  OP2   HOP2   sing N N 6   
DA  "O5'" "C5'"  sing N N 7   
DA  "C5'" "C4'"  sing N N 8   
DA  "C5'" "H5'"  sing N N 9   
DA  "C5'" "H5''" sing N N 10  
DA  "C4'" "O4'"  sing N N 11  
DA  "C4'" "C3'"  sing N N 12  
DA  "C4'" "H4'"  sing N N 13  
DA  "O4'" "C1'"  sing N N 14  
DA  "C3'" "O3'"  sing N N 15  
DA  "C3'" "C2'"  sing N N 16  
DA  "C3'" "H3'"  sing N N 17  
DA  "O3'" "HO3'" sing N N 18  
DA  "C2'" "C1'"  sing N N 19  
DA  "C2'" "H2'"  sing N N 20  
DA  "C2'" "H2''" sing N N 21  
DA  "C1'" N9     sing N N 22  
DA  "C1'" "H1'"  sing N N 23  
DA  N9    C8     sing Y N 24  
DA  N9    C4     sing Y N 25  
DA  C8    N7     doub Y N 26  
DA  C8    H8     sing N N 27  
DA  N7    C5     sing Y N 28  
DA  C5    C6     sing Y N 29  
DA  C5    C4     doub Y N 30  
DA  C6    N6     sing N N 31  
DA  C6    N1     doub Y N 32  
DA  N6    H61    sing N N 33  
DA  N6    H62    sing N N 34  
DA  N1    C2     sing Y N 35  
DA  C2    N3     doub Y N 36  
DA  C2    H2     sing N N 37  
DA  N3    C4     sing Y N 38  
DC  OP3   P      sing N N 39  
DC  OP3   HOP3   sing N N 40  
DC  P     OP1    doub N N 41  
DC  P     OP2    sing N N 42  
DC  P     "O5'"  sing N N 43  
DC  OP2   HOP2   sing N N 44  
DC  "O5'" "C5'"  sing N N 45  
DC  "C5'" "C4'"  sing N N 46  
DC  "C5'" "H5'"  sing N N 47  
DC  "C5'" "H5''" sing N N 48  
DC  "C4'" "O4'"  sing N N 49  
DC  "C4'" "C3'"  sing N N 50  
DC  "C4'" "H4'"  sing N N 51  
DC  "O4'" "C1'"  sing N N 52  
DC  "C3'" "O3'"  sing N N 53  
DC  "C3'" "C2'"  sing N N 54  
DC  "C3'" "H3'"  sing N N 55  
DC  "O3'" "HO3'" sing N N 56  
DC  "C2'" "C1'"  sing N N 57  
DC  "C2'" "H2'"  sing N N 58  
DC  "C2'" "H2''" sing N N 59  
DC  "C1'" N1     sing N N 60  
DC  "C1'" "H1'"  sing N N 61  
DC  N1    C2     sing N N 62  
DC  N1    C6     sing N N 63  
DC  C2    O2     doub N N 64  
DC  C2    N3     sing N N 65  
DC  N3    C4     doub N N 66  
DC  C4    N4     sing N N 67  
DC  C4    C5     sing N N 68  
DC  N4    H41    sing N N 69  
DC  N4    H42    sing N N 70  
DC  C5    C6     doub N N 71  
DC  C5    H5     sing N N 72  
DC  C6    H6     sing N N 73  
DG  OP3   P      sing N N 74  
DG  OP3   HOP3   sing N N 75  
DG  P     OP1    doub N N 76  
DG  P     OP2    sing N N 77  
DG  P     "O5'"  sing N N 78  
DG  OP2   HOP2   sing N N 79  
DG  "O5'" "C5'"  sing N N 80  
DG  "C5'" "C4'"  sing N N 81  
DG  "C5'" "H5'"  sing N N 82  
DG  "C5'" "H5''" sing N N 83  
DG  "C4'" "O4'"  sing N N 84  
DG  "C4'" "C3'"  sing N N 85  
DG  "C4'" "H4'"  sing N N 86  
DG  "O4'" "C1'"  sing N N 87  
DG  "C3'" "O3'"  sing N N 88  
DG  "C3'" "C2'"  sing N N 89  
DG  "C3'" "H3'"  sing N N 90  
DG  "O3'" "HO3'" sing N N 91  
DG  "C2'" "C1'"  sing N N 92  
DG  "C2'" "H2'"  sing N N 93  
DG  "C2'" "H2''" sing N N 94  
DG  "C1'" N9     sing N N 95  
DG  "C1'" "H1'"  sing N N 96  
DG  N9    C8     sing Y N 97  
DG  N9    C4     sing Y N 98  
DG  C8    N7     doub Y N 99  
DG  C8    H8     sing N N 100 
DG  N7    C5     sing Y N 101 
DG  C5    C6     sing N N 102 
DG  C5    C4     doub Y N 103 
DG  C6    O6     doub N N 104 
DG  C6    N1     sing N N 105 
DG  N1    C2     sing N N 106 
DG  N1    H1     sing N N 107 
DG  C2    N2     sing N N 108 
DG  C2    N3     doub N N 109 
DG  N2    H21    sing N N 110 
DG  N2    H22    sing N N 111 
DG  N3    C4     sing N N 112 
DT  OP3   P      sing N N 113 
DT  OP3   HOP3   sing N N 114 
DT  P     OP1    doub N N 115 
DT  P     OP2    sing N N 116 
DT  P     "O5'"  sing N N 117 
DT  OP2   HOP2   sing N N 118 
DT  "O5'" "C5'"  sing N N 119 
DT  "C5'" "C4'"  sing N N 120 
DT  "C5'" "H5'"  sing N N 121 
DT  "C5'" "H5''" sing N N 122 
DT  "C4'" "O4'"  sing N N 123 
DT  "C4'" "C3'"  sing N N 124 
DT  "C4'" "H4'"  sing N N 125 
DT  "O4'" "C1'"  sing N N 126 
DT  "C3'" "O3'"  sing N N 127 
DT  "C3'" "C2'"  sing N N 128 
DT  "C3'" "H3'"  sing N N 129 
DT  "O3'" "HO3'" sing N N 130 
DT  "C2'" "C1'"  sing N N 131 
DT  "C2'" "H2'"  sing N N 132 
DT  "C2'" "H2''" sing N N 133 
DT  "C1'" N1     sing N N 134 
DT  "C1'" "H1'"  sing N N 135 
DT  N1    C2     sing N N 136 
DT  N1    C6     sing N N 137 
DT  C2    O2     doub N N 138 
DT  C2    N3     sing N N 139 
DT  N3    C4     sing N N 140 
DT  N3    H3     sing N N 141 
DT  C4    O4     doub N N 142 
DT  C4    C5     sing N N 143 
DT  C5    C7     sing N N 144 
DT  C5    C6     doub N N 145 
DT  C7    H71    sing N N 146 
DT  C7    H72    sing N N 147 
DT  C7    H73    sing N N 148 
DT  C6    H6     sing N N 149 
HOH O     H1     sing N N 150 
HOH O     H2     sing N N 151 
# 
_ndb_struct_conf_na.entry_id   197D 
_ndb_struct_conf_na.feature    'a-form double helix' 
# 
loop_
_ndb_struct_na_base_pair.model_number 
_ndb_struct_na_base_pair.i_label_asym_id 
_ndb_struct_na_base_pair.i_label_comp_id 
_ndb_struct_na_base_pair.i_label_seq_id 
_ndb_struct_na_base_pair.i_symmetry 
_ndb_struct_na_base_pair.j_label_asym_id 
_ndb_struct_na_base_pair.j_label_comp_id 
_ndb_struct_na_base_pair.j_label_seq_id 
_ndb_struct_na_base_pair.j_symmetry 
_ndb_struct_na_base_pair.shear 
_ndb_struct_na_base_pair.stretch 
_ndb_struct_na_base_pair.stagger 
_ndb_struct_na_base_pair.buckle 
_ndb_struct_na_base_pair.propeller 
_ndb_struct_na_base_pair.opening 
_ndb_struct_na_base_pair.pair_number 
_ndb_struct_na_base_pair.pair_name 
_ndb_struct_na_base_pair.i_auth_asym_id 
_ndb_struct_na_base_pair.i_auth_seq_id 
_ndb_struct_na_base_pair.i_PDB_ins_code 
_ndb_struct_na_base_pair.j_auth_asym_id 
_ndb_struct_na_base_pair.j_auth_seq_id 
_ndb_struct_na_base_pair.j_PDB_ins_code 
_ndb_struct_na_base_pair.hbond_type_28 
_ndb_struct_na_base_pair.hbond_type_12 
1 A DG 1 1_555 B DC 8 1_555 -0.739 -0.360 -0.290 -14.637 -2.967  -3.814 1 A_DG1:DC16_B A 1 ? B 16 ? 19 1 
1 A DT 2 1_555 B DA 7 1_555 -0.440 -0.120 -0.055 4.763   -8.363  -0.466 2 A_DT2:DA15_B A 2 ? B 15 ? 20 1 
1 A DA 3 1_555 B DT 6 1_555 -0.094 -0.215 0.080  6.953   -19.328 8.362  3 A_DA3:DT14_B A 3 ? B 14 ? 20 1 
1 A DC 4 1_555 B DG 5 1_555 0.489  -0.247 -0.213 4.759   -21.105 1.762  4 A_DC4:DG13_B A 4 ? B 13 ? 19 1 
1 A DG 5 1_555 B DC 4 1_555 0.084  -0.091 -0.171 -2.140  -20.763 1.397  5 A_DG5:DC12_B A 5 ? B 12 ? 19 1 
1 A DT 6 1_555 B DA 3 1_555 0.128  -0.142 -0.156 -2.194  -20.494 3.521  6 A_DT6:DA11_B A 6 ? B 11 ? 20 1 
1 A DA 7 1_555 B DT 2 1_555 -0.611 -0.316 -0.318 -8.646  -20.709 2.039  7 A_DA7:DT10_B A 7 ? B 10 ? 20 1 
1 A DC 8 1_555 B DG 1 1_555 -0.019 -0.058 -0.197 7.883   -7.767  0.141  8 A_DC8:DG9_B  A 8 ? B 9  ? 19 1 
# 
loop_
_ndb_struct_na_base_pair_step.model_number 
_ndb_struct_na_base_pair_step.i_label_asym_id_1 
_ndb_struct_na_base_pair_step.i_label_comp_id_1 
_ndb_struct_na_base_pair_step.i_label_seq_id_1 
_ndb_struct_na_base_pair_step.i_symmetry_1 
_ndb_struct_na_base_pair_step.j_label_asym_id_1 
_ndb_struct_na_base_pair_step.j_label_comp_id_1 
_ndb_struct_na_base_pair_step.j_label_seq_id_1 
_ndb_struct_na_base_pair_step.j_symmetry_1 
_ndb_struct_na_base_pair_step.i_label_asym_id_2 
_ndb_struct_na_base_pair_step.i_label_comp_id_2 
_ndb_struct_na_base_pair_step.i_label_seq_id_2 
_ndb_struct_na_base_pair_step.i_symmetry_2 
_ndb_struct_na_base_pair_step.j_label_asym_id_2 
_ndb_struct_na_base_pair_step.j_label_comp_id_2 
_ndb_struct_na_base_pair_step.j_label_seq_id_2 
_ndb_struct_na_base_pair_step.j_symmetry_2 
_ndb_struct_na_base_pair_step.shift 
_ndb_struct_na_base_pair_step.slide 
_ndb_struct_na_base_pair_step.rise 
_ndb_struct_na_base_pair_step.tilt 
_ndb_struct_na_base_pair_step.roll 
_ndb_struct_na_base_pair_step.twist 
_ndb_struct_na_base_pair_step.x_displacement 
_ndb_struct_na_base_pair_step.y_displacement 
_ndb_struct_na_base_pair_step.helical_rise 
_ndb_struct_na_base_pair_step.inclination 
_ndb_struct_na_base_pair_step.tip 
_ndb_struct_na_base_pair_step.helical_twist 
_ndb_struct_na_base_pair_step.step_number 
_ndb_struct_na_base_pair_step.step_name 
_ndb_struct_na_base_pair_step.i_auth_asym_id_1 
_ndb_struct_na_base_pair_step.i_auth_seq_id_1 
_ndb_struct_na_base_pair_step.i_PDB_ins_code_1 
_ndb_struct_na_base_pair_step.j_auth_asym_id_1 
_ndb_struct_na_base_pair_step.j_auth_seq_id_1 
_ndb_struct_na_base_pair_step.j_PDB_ins_code_1 
_ndb_struct_na_base_pair_step.i_auth_asym_id_2 
_ndb_struct_na_base_pair_step.i_auth_seq_id_2 
_ndb_struct_na_base_pair_step.i_PDB_ins_code_2 
_ndb_struct_na_base_pair_step.j_auth_asym_id_2 
_ndb_struct_na_base_pair_step.j_auth_seq_id_2 
_ndb_struct_na_base_pair_step.j_PDB_ins_code_2 
1 A DG 1 1_555 B DC 8 1_555 A DT 2 1_555 B DA 7 1_555 -0.387 -1.068 3.075 -2.468 2.484  32.510 -2.298 0.290  3.008 4.422  4.393   
32.693 1 AA_DG1DT2:DA15DC16_BB A 1 ? B 16 ? A 2 ? B 15 ? 
1 A DT 2 1_555 B DA 7 1_555 A DA 3 1_555 B DT 6 1_555 0.167  -1.242 3.226 -0.494 12.724 34.977 -3.517 -0.323 2.629 20.355 0.790   
37.155 2 AA_DT2DA3:DT14DA15_BB A 2 ? B 15 ? A 3 ? B 14 ? 
1 A DA 3 1_555 B DT 6 1_555 A DC 4 1_555 B DG 5 1_555 -0.453 -0.934 3.402 1.274  8.253  35.166 -2.681 0.912  3.093 13.426 -2.073  
36.113 3 AA_DA3DC4:DG13DT14_BB A 3 ? B 14 ? A 4 ? B 13 ? 
1 A DC 4 1_555 B DG 5 1_555 A DG 5 1_555 B DC 4 1_555 -0.661 -2.289 3.284 -2.079 22.775 24.149 -6.877 0.898  0.900 43.854 4.002   
33.143 4 AA_DC4DG5:DC12DG13_BB A 4 ? B 13 ? A 5 ? B 12 ? 
1 A DG 5 1_555 B DC 4 1_555 A DT 6 1_555 B DA 3 1_555 0.318  -0.900 3.367 -0.336 6.348  33.409 -2.558 -0.598 3.145 10.920 0.578   
33.992 5 AA_DG5DT6:DA11DC12_BB A 5 ? B 12 ? A 6 ? B 11 ? 
1 A DT 6 1_555 B DA 3 1_555 A DA 7 1_555 B DT 2 1_555 0.604  -1.276 3.331 5.283  20.574 23.222 -5.847 -0.222 1.755 41.624 -10.688 
31.373 6 AA_DT6DA7:DT10DA11_BB A 6 ? B 11 ? A 7 ? B 10 ? 
1 A DA 7 1_555 B DT 2 1_555 A DC 8 1_555 B DG 1 1_555 0.399  -1.321 2.917 -1.681 9.418  32.247 -3.570 -0.920 2.423 16.508 2.946   
33.600 7 AA_DA7DC8:DG9DT10_BB  A 7 ? B 10 ? A 8 ? B 9  ? 
# 
_atom_sites.entry_id                    197D 
_atom_sites.fract_transf_matrix[1][1]   -0.01217089 
_atom_sites.fract_transf_matrix[1][2]   -0.00310935 
_atom_sites.fract_transf_matrix[1][3]   0.02265318 
_atom_sites.fract_transf_matrix[2][1]   0.00862004 
_atom_sites.fract_transf_matrix[2][2]   0.01629919 
_atom_sites.fract_transf_matrix[2][3]   0.00686850 
_atom_sites.fract_transf_matrix[3][1]   -0.03525070 
_atom_sites.fract_transf_matrix[3][2]   0.02516804 
_atom_sites.fract_transf_matrix[3][3]   -0.01548464 
_atom_sites.fract_transf_vector[1]      -0.059168 
_atom_sites.fract_transf_vector[2]      0.305614 
_atom_sites.fract_transf_vector[3]      0.084371 
# 
loop_
_atom_type.symbol 
C 
N 
O 
P 
# 
loop_
_atom_site.group_PDB 
_atom_site.id 
_atom_site.type_symbol 
_atom_site.label_atom_id 
_atom_site.label_alt_id 
_atom_site.label_comp_id 
_atom_site.label_asym_id 
_atom_site.label_entity_id 
_atom_site.label_seq_id 
_atom_site.pdbx_PDB_ins_code 
_atom_site.Cartn_x 
_atom_site.Cartn_y 
_atom_site.Cartn_z 
_atom_site.occupancy 
_atom_site.B_iso_or_equiv 
_atom_site.pdbx_formal_charge 
_atom_site.auth_seq_id 
_atom_site.auth_comp_id 
_atom_site.auth_asym_id 
_atom_site.auth_atom_id 
_atom_site.pdbx_PDB_model_num 
ATOM   1   O "O5'" . DG  A 1 1 ? -8.419  -1.793  8.428   1.00 6.67  ? 1  DG  A "O5'" 1 
ATOM   2   C "C5'" . DG  A 1 1 ? -7.962  -1.175  9.690   1.00 7.21  ? 1  DG  A "C5'" 1 
ATOM   3   C "C4'" . DG  A 1 1 ? -6.996  -2.077  10.417  1.00 6.56  ? 1  DG  A "C4'" 1 
ATOM   4   O "O4'" . DG  A 1 1 ? -7.302  -3.407  10.056  1.00 7.47  ? 1  DG  A "O4'" 1 
ATOM   5   C "C3'" . DG  A 1 1 ? -5.516  -1.937  10.078  1.00 6.43  ? 1  DG  A "C3'" 1 
ATOM   6   O "O3'" . DG  A 1 1 ? -4.877  -0.984  10.915  1.00 8.13  ? 1  DG  A "O3'" 1 
ATOM   7   C "C2'" . DG  A 1 1 ? -4.921  -3.341  10.188  1.00 4.40  ? 1  DG  A "C2'" 1 
ATOM   8   C "C1'" . DG  A 1 1 ? -6.101  -4.192  9.843   1.00 5.36  ? 1  DG  A "C1'" 1 
ATOM   9   N N9    . DG  A 1 1 ? -6.138  -4.728  8.469   1.00 3.86  ? 1  DG  A N9    1 
ATOM   10  C C8    . DG  A 1 1 ? -7.024  -4.527  7.442   1.00 3.18  ? 1  DG  A C8    1 
ATOM   11  N N7    . DG  A 1 1 ? -6.761  -5.184  6.342   1.00 2.92  ? 1  DG  A N7    1 
ATOM   12  C C5    . DG  A 1 1 ? -5.633  -5.914  6.701   1.00 4.05  ? 1  DG  A C5    1 
ATOM   13  C C6    . DG  A 1 1 ? -4.854  -6.861  5.993   1.00 4.74  ? 1  DG  A C6    1 
ATOM   14  O O6    . DG  A 1 1 ? -5.032  -7.272  4.847   1.00 8.34  ? 1  DG  A O6    1 
ATOM   15  N N1    . DG  A 1 1 ? -3.825  -7.372  6.701   1.00 4.21  ? 1  DG  A N1    1 
ATOM   16  C C2    . DG  A 1 1 ? -3.520  -7.042  7.978   1.00 3.55  ? 1  DG  A C2    1 
ATOM   17  N N2    . DG  A 1 1 ? -2.438  -7.561  8.523   1.00 3.03  ? 1  DG  A N2    1 
ATOM   18  N N3    . DG  A 1 1 ? -4.239  -6.209  8.712   1.00 3.70  ? 1  DG  A N3    1 
ATOM   19  C C4    . DG  A 1 1 ? -5.273  -5.679  8.008   1.00 3.63  ? 1  DG  A C4    1 
ATOM   20  P P     . DT  A 1 2 ? -3.761  0.048   10.226  1.00 8.36  ? 2  DT  A P     1 
ATOM   21  O OP1   . DT  A 1 2 ? -3.633  1.171   11.212  1.00 6.28  ? 2  DT  A OP1   1 
ATOM   22  O OP2   . DT  A 1 2 ? -4.322  0.366   8.908   1.00 8.10  ? 2  DT  A OP2   1 
ATOM   23  O "O5'" . DT  A 1 2 ? -2.521  -0.890  10.137  1.00 7.92  ? 2  DT  A "O5'" 1 
ATOM   24  C "C5'" . DT  A 1 2 ? -1.408  -0.910  11.031  1.00 6.88  ? 2  DT  A "C5'" 1 
ATOM   25  C "C4'" . DT  A 1 2 ? -0.582  -2.139  10.711  1.00 6.70  ? 2  DT  A "C4'" 1 
ATOM   26  O "O4'" . DT  A 1 2 ? -1.287  -3.295  10.394  1.00 5.67  ? 2  DT  A "O4'" 1 
ATOM   27  C "C3'" . DT  A 1 2 ? 0.515   -2.017  9.657   1.00 6.46  ? 2  DT  A "C3'" 1 
ATOM   28  O "O3'" . DT  A 1 2 ? 1.654   -1.363  10.199  1.00 6.33  ? 2  DT  A "O3'" 1 
ATOM   29  C "C2'" . DT  A 1 2 ? 0.876   -3.477  9.394   1.00 6.39  ? 2  DT  A "C2'" 1 
ATOM   30  C "C1'" . DT  A 1 2 ? -0.500  -4.064  9.454   1.00 5.58  ? 2  DT  A "C1'" 1 
ATOM   31  N N1    . DT  A 1 2 ? -1.138  -4.044  8.124   1.00 4.57  ? 2  DT  A N1    1 
ATOM   32  C C2    . DT  A 1 2 ? -0.750  -5.030  7.227   1.00 3.74  ? 2  DT  A C2    1 
ATOM   33  O O2    . DT  A 1 2 ? 0.141   -5.805  7.524   1.00 3.58  ? 2  DT  A O2    1 
ATOM   34  N N3    . DT  A 1 2 ? -1.371  -5.046  6.034   1.00 3.16  ? 2  DT  A N3    1 
ATOM   35  C C4    . DT  A 1 2 ? -2.389  -4.219  5.670   1.00 2.87  ? 2  DT  A C4    1 
ATOM   36  O O4    . DT  A 1 2 ? -2.963  -4.259  4.549   1.00 3.09  ? 2  DT  A O4    1 
ATOM   37  C C5    . DT  A 1 2 ? -2.756  -3.233  6.616   1.00 3.35  ? 2  DT  A C5    1 
ATOM   38  C C7    . DT  A 1 2 ? -3.853  -2.241  6.264   1.00 5.39  ? 2  DT  A C7    1 
ATOM   39  C C6    . DT  A 1 2 ? -2.150  -3.183  7.818   1.00 3.84  ? 2  DT  A C6    1 
ATOM   40  P P     . DA  A 1 3 ? 2.541   -0.424  9.186   1.00 6.22  ? 3  DA  A P     1 
ATOM   41  O OP1   . DA  A 1 3 ? 3.387   0.352   10.099  1.00 4.63  ? 3  DA  A OP1   1 
ATOM   42  O OP2   . DA  A 1 3 ? 1.547   0.327   8.361   1.00 5.29  ? 3  DA  A OP2   1 
ATOM   43  O "O5'" . DA  A 1 3 ? 3.191   -1.597  8.389   1.00 4.06  ? 3  DA  A "O5'" 1 
ATOM   44  C "C5'" . DA  A 1 3 ? 4.230   -2.451  8.892   1.00 4.35  ? 3  DA  A "C5'" 1 
ATOM   45  C "C4'" . DA  A 1 3 ? 4.885   -3.178  7.744   1.00 3.60  ? 3  DA  A "C4'" 1 
ATOM   46  O "O4'" . DA  A 1 3 ? 4.249   -4.329  7.267   1.00 3.12  ? 3  DA  A "O4'" 1 
ATOM   47  C "C3'" . DA  A 1 3 ? 5.182   -2.286  6.548   1.00 3.08  ? 3  DA  A "C3'" 1 
ATOM   48  O "O3'" . DA  A 1 3 ? 6.516   -1.796  6.683   1.00 2.20  ? 3  DA  A "O3'" 1 
ATOM   49  C "C2'" . DA  A 1 3 ? 5.118   -3.245  5.367   1.00 3.25  ? 3  DA  A "C2'" 1 
ATOM   50  C "C1'" . DA  A 1 3 ? 4.137   -4.290  5.862   1.00 2.90  ? 3  DA  A "C1'" 1 
ATOM   51  N N9    . DA  A 1 3 ? 2.896   -3.775  5.279   1.00 2.32  ? 3  DA  A N9    1 
ATOM   52  C C8    . DA  A 1 3 ? 2.050   -2.802  5.677   1.00 2.69  ? 3  DA  A C8    1 
ATOM   53  N N7    . DA  A 1 3 ? 1.017   -2.605  4.906   1.00 2.56  ? 3  DA  A N7    1 
ATOM   54  C C5    . DA  A 1 3 ? 1.232   -3.516  3.882   1.00 2.52  ? 3  DA  A C5    1 
ATOM   55  C C6    . DA  A 1 3 ? 0.535   -3.772  2.686   1.00 2.00  ? 3  DA  A C6    1 
ATOM   56  N N6    . DA  A 1 3 ? -0.534  -3.177  2.224   1.00 2.83  ? 3  DA  A N6    1 
ATOM   57  N N1    . DA  A 1 3 ? 1.069   -4.765  1.954   1.00 2.00  ? 3  DA  A N1    1 
ATOM   58  C C2    . DA  A 1 3 ? 2.177   -5.467  2.263   1.00 2.00  ? 3  DA  A C2    1 
ATOM   59  N N3    . DA  A 1 3 ? 2.895   -5.254  3.332   1.00 2.45  ? 3  DA  A N3    1 
ATOM   60  C C4    . DA  A 1 3 ? 2.391   -4.242  4.095   1.00 2.21  ? 3  DA  A C4    1 
ATOM   61  P P     . DC  A 1 4 ? 6.943   -0.649  5.683   1.00 4.99  ? 4  DC  A P     1 
ATOM   62  O OP1   . DC  A 1 4 ? 8.189   -0.081  6.263   1.00 4.81  ? 4  DC  A OP1   1 
ATOM   63  O OP2   . DC  A 1 4 ? 5.799   0.317   5.568   1.00 3.05  ? 4  DC  A OP2   1 
ATOM   64  O "O5'" . DC  A 1 4 ? 7.251   -1.409  4.333   1.00 4.23  ? 4  DC  A "O5'" 1 
ATOM   65  C "C5'" . DC  A 1 4 ? 8.551   -1.959  4.019   1.00 6.65  ? 4  DC  A "C5'" 1 
ATOM   66  C "C4'" . DC  A 1 4 ? 8.403   -2.657  2.674   1.00 6.85  ? 4  DC  A "C4'" 1 
ATOM   67  O "O4'" . DC  A 1 4 ? 7.225   -3.422  2.704   1.00 7.70  ? 4  DC  A "O4'" 1 
ATOM   68  C "C3'" . DC  A 1 4 ? 8.234   -1.800  1.434   1.00 7.94  ? 4  DC  A "C3'" 1 
ATOM   69  O "O3'" . DC  A 1 4 ? 9.379   -1.284  0.769   1.00 9.59  ? 4  DC  A "O3'" 1 
ATOM   70  C "C2'" . DC  A 1 4 ? 7.531   -2.739  0.469   1.00 6.65  ? 4  DC  A "C2'" 1 
ATOM   71  C "C1'" . DC  A 1 4 ? 6.531   -3.320  1.414   1.00 7.02  ? 4  DC  A "C1'" 1 
ATOM   72  N N1    . DC  A 1 4 ? 5.271   -2.571  1.494   1.00 5.85  ? 4  DC  A N1    1 
ATOM   73  C C2    . DC  A 1 4 ? 4.354   -2.790  0.529   1.00 4.21  ? 4  DC  A C2    1 
ATOM   74  O O2    . DC  A 1 4 ? 4.501   -3.563  -0.411  1.00 2.42  ? 4  DC  A O2    1 
ATOM   75  N N3    . DC  A 1 4 ? 3.151   -2.151  0.638   1.00 4.52  ? 4  DC  A N3    1 
ATOM   76  C C4    . DC  A 1 4 ? 2.838   -1.290  1.638   1.00 4.58  ? 4  DC  A C4    1 
ATOM   77  N N4    . DC  A 1 4 ? 1.675   -0.646  1.715   1.00 4.67  ? 4  DC  A N4    1 
ATOM   78  C C5    . DC  A 1 4 ? 3.819   -1.012  2.601   1.00 4.65  ? 4  DC  A C5    1 
ATOM   79  C C6    . DC  A 1 4 ? 4.961   -1.710  2.531   1.00 6.65  ? 4  DC  A C6    1 
ATOM   80  P P     . DG  A 1 5 ? 9.515   0.238   0.332   1.00 11.70 ? 5  DG  A P     1 
ATOM   81  O OP1   . DG  A 1 5 ? 11.001  0.382   0.444   1.00 12.25 ? 5  DG  A OP1   1 
ATOM   82  O OP2   . DG  A 1 5 ? 8.790   1.170   1.302   1.00 12.18 ? 5  DG  A OP2   1 
ATOM   83  O "O5'" . DG  A 1 5 ? 8.816   0.348   -1.088  1.00 9.59  ? 5  DG  A "O5'" 1 
ATOM   84  C "C5'" . DG  A 1 5 ? 9.204   -0.707  -2.000  1.00 9.61  ? 5  DG  A "C5'" 1 
ATOM   85  C "C4'" . DG  A 1 5 ? 8.425   -0.656  -3.268  1.00 7.50  ? 5  DG  A "C4'" 1 
ATOM   86  O "O4'" . DG  A 1 5 ? 7.174   -1.271  -3.106  1.00 8.11  ? 5  DG  A "O4'" 1 
ATOM   87  C "C3'" . DG  A 1 5 ? 8.107   0.760   -3.708  1.00 7.83  ? 5  DG  A "C3'" 1 
ATOM   88  O "O3'" . DG  A 1 5 ? 9.307   1.398   -4.110  1.00 8.08  ? 5  DG  A "O3'" 1 
ATOM   89  C "C2'" . DG  A 1 5 ? 6.928   0.544   -4.614  1.00 6.13  ? 5  DG  A "C2'" 1 
ATOM   90  C "C1'" . DG  A 1 5 ? 6.183   -0.527  -3.845  1.00 6.69  ? 5  DG  A "C1'" 1 
ATOM   91  N N9    . DG  A 1 5 ? 5.084   -0.078  -2.979  1.00 5.56  ? 5  DG  A N9    1 
ATOM   92  C C8    . DG  A 1 5 ? 5.059   0.238   -1.644  1.00 4.59  ? 5  DG  A C8    1 
ATOM   93  N N7    . DG  A 1 5 ? 3.894   0.559   -1.165  1.00 2.88  ? 5  DG  A N7    1 
ATOM   94  C C5    . DG  A 1 5 ? 3.069   0.496   -2.293  1.00 4.32  ? 5  DG  A C5    1 
ATOM   95  C C6    . DG  A 1 5 ? 1.690   0.757   -2.477  1.00 4.35  ? 5  DG  A C6    1 
ATOM   96  O O6    . DG  A 1 5 ? 0.842   1.092   -1.642  1.00 4.73  ? 5  DG  A O6    1 
ATOM   97  N N1    . DG  A 1 5 ? 1.246   0.583   -3.764  1.00 4.28  ? 5  DG  A N1    1 
ATOM   98  C C2    . DG  A 1 5 ? 2.031   0.155   -4.782  1.00 3.32  ? 5  DG  A C2    1 
ATOM   99  N N2    . DG  A 1 5 ? 1.407   0.041   -5.954  1.00 3.81  ? 5  DG  A N2    1 
ATOM   100 N N3    . DG  A 1 5 ? 3.300   -0.164  -4.642  1.00 4.02  ? 5  DG  A N3    1 
ATOM   101 C C4    . DG  A 1 5 ? 3.768   0.056   -3.394  1.00 4.74  ? 5  DG  A C4    1 
ATOM   102 P P     . DT  A 1 6 ? 9.248   2.956   -4.458  1.00 8.19  ? 6  DT  A P     1 
ATOM   103 O OP1   . DT  A 1 6 ? 10.537  3.163   -5.168  1.00 10.65 ? 6  DT  A OP1   1 
ATOM   104 O OP2   . DT  A 1 6 ? 9.071   3.886   -3.357  1.00 8.08  ? 6  DT  A OP2   1 
ATOM   105 O "O5'" . DT  A 1 6 ? 7.984   2.984   -5.468  1.00 7.52  ? 6  DT  A "O5'" 1 
ATOM   106 C "C5'" . DT  A 1 6 ? 8.128   3.226   -6.881  1.00 6.47  ? 6  DT  A "C5'" 1 
ATOM   107 C "C4'" . DT  A 1 6 ? 6.743   3.493   -7.420  1.00 5.48  ? 6  DT  A "C4'" 1 
ATOM   108 O "O4'" . DT  A 1 6 ? 5.768   2.756   -6.806  1.00 4.53  ? 6  DT  A "O4'" 1 
ATOM   109 C "C3'" . DT  A 1 6 ? 6.253   4.923   -7.231  1.00 6.31  ? 6  DT  A "C3'" 1 
ATOM   110 O "O3'" . DT  A 1 6 ? 6.745   5.869   -8.184  1.00 7.67  ? 6  DT  A "O3'" 1 
ATOM   111 C "C2'" . DT  A 1 6 ? 4.753   4.750   -7.337  1.00 5.54  ? 6  DT  A "C2'" 1 
ATOM   112 C "C1'" . DT  A 1 6 ? 4.459   3.343   -6.805  1.00 4.81  ? 6  DT  A "C1'" 1 
ATOM   113 N N1    . DT  A 1 6 ? 3.960   3.531   -5.415  1.00 2.62  ? 6  DT  A N1    1 
ATOM   114 C C2    . DT  A 1 6 ? 2.598   3.699   -5.241  1.00 3.27  ? 6  DT  A C2    1 
ATOM   115 O O2    . DT  A 1 6 ? 1.749   3.663   -6.156  1.00 3.13  ? 6  DT  A O2    1 
ATOM   116 N N3    . DT  A 1 6 ? 2.203   3.931   -3.955  1.00 2.79  ? 6  DT  A N3    1 
ATOM   117 C C4    . DT  A 1 6 ? 3.047   3.983   -2.880  1.00 2.49  ? 6  DT  A C4    1 
ATOM   118 O O4    . DT  A 1 6 ? 2.541   4.188   -1.757  1.00 3.23  ? 6  DT  A O4    1 
ATOM   119 C C5    . DT  A 1 6 ? 4.430   3.780   -3.119  1.00 2.17  ? 6  DT  A C5    1 
ATOM   120 C C7    . DT  A 1 6 ? 5.439   3.909   -2.025  1.00 2.00  ? 6  DT  A C7    1 
ATOM   121 C C6    . DT  A 1 6 ? 4.814   3.572   -4.386  1.00 2.00  ? 6  DT  A C6    1 
ATOM   122 P P     . DA  A 1 7 ? 7.410   7.238   -7.682  1.00 9.08  ? 7  DA  A P     1 
ATOM   123 O OP1   . DA  A 1 7 ? 8.656   7.419   -8.410  1.00 9.61  ? 7  DA  A OP1   1 
ATOM   124 O OP2   . DA  A 1 7 ? 7.582   7.209   -6.212  1.00 10.54 ? 7  DA  A OP2   1 
ATOM   125 O "O5'" . DA  A 1 7 ? 6.209   8.196   -8.100  1.00 9.76  ? 7  DA  A "O5'" 1 
ATOM   126 C "C5'" . DA  A 1 7 ? 5.307   8.656   -7.081  1.00 10.36 ? 7  DA  A "C5'" 1 
ATOM   127 C "C4'" . DA  A 1 7 ? 3.962   8.895   -7.750  1.00 10.67 ? 7  DA  A "C4'" 1 
ATOM   128 O "O4'" . DA  A 1 7 ? 3.233   7.697   -7.459  1.00 10.10 ? 7  DA  A "O4'" 1 
ATOM   129 C "C3'" . DA  A 1 7 ? 3.266   10.046  -7.047  1.00 11.23 ? 7  DA  A "C3'" 1 
ATOM   130 O "O3'" . DA  A 1 7 ? 3.379   11.297  -7.653  1.00 14.02 ? 7  DA  A "O3'" 1 
ATOM   131 C "C2'" . DA  A 1 7 ? 1.856   9.534   -6.917  1.00 10.39 ? 7  DA  A "C2'" 1 
ATOM   132 C "C1'" . DA  A 1 7 ? 2.132   8.067   -6.648  1.00 9.27  ? 7  DA  A "C1'" 1 
ATOM   133 N N9    . DA  A 1 7 ? 2.244   7.824   -5.195  1.00 7.96  ? 7  DA  A N9    1 
ATOM   134 C C8    . DA  A 1 7 ? 3.324   7.507   -4.416  1.00 7.33  ? 7  DA  A C8    1 
ATOM   135 N N7    . DA  A 1 7 ? 3.014   7.269   -3.168  1.00 6.67  ? 7  DA  A N7    1 
ATOM   136 C C5    . DA  A 1 7 ? 1.624   7.435   -3.128  1.00 6.25  ? 7  DA  A C5    1 
ATOM   137 C C6    . DA  A 1 7 ? 0.705   7.362   -2.051  1.00 6.31  ? 7  DA  A C6    1 
ATOM   138 N N6    . DA  A 1 7 ? 1.069   7.128   -0.801  1.00 6.27  ? 7  DA  A N6    1 
ATOM   139 N N1    . DA  A 1 7 ? -0.570  7.676   -2.375  1.00 6.11  ? 7  DA  A N1    1 
ATOM   140 C C2    . DA  A 1 7 ? -0.953  7.984   -3.642  1.00 6.56  ? 7  DA  A C2    1 
ATOM   141 N N3    . DA  A 1 7 ? -0.138  8.102   -4.671  1.00 6.52  ? 7  DA  A N3    1 
ATOM   142 C C4    . DA  A 1 7 ? 1.144   7.808   -4.345  1.00 6.22  ? 7  DA  A C4    1 
ATOM   143 P P     . DC  A 1 8 ? 3.696   12.731  -7.115  1.00 15.83 ? 8  DC  A P     1 
ATOM   144 O OP1   . DC  A 1 8 ? 4.382   13.441  -8.277  1.00 16.72 ? 8  DC  A OP1   1 
ATOM   145 O OP2   . DC  A 1 8 ? 4.342   12.901  -5.812  1.00 15.19 ? 8  DC  A OP2   1 
ATOM   146 O "O5'" . DC  A 1 8 ? 2.171   13.419  -7.053  1.00 16.22 ? 8  DC  A "O5'" 1 
ATOM   147 C "C5'" . DC  A 1 8 ? 1.012   12.586  -7.274  1.00 16.77 ? 8  DC  A "C5'" 1 
ATOM   148 C "C4'" . DC  A 1 8 ? -0.031  13.090  -6.259  1.00 16.68 ? 8  DC  A "C4'" 1 
ATOM   149 O "O4'" . DC  A 1 8 ? -0.247  12.092  -5.294  1.00 16.17 ? 8  DC  A "O4'" 1 
ATOM   150 C "C3'" . DC  A 1 8 ? 0.512   14.298  -5.515  1.00 16.98 ? 8  DC  A "C3'" 1 
ATOM   151 O "O3'" . DC  A 1 8 ? -0.452  15.323  -5.279  1.00 18.84 ? 8  DC  A "O3'" 1 
ATOM   152 C "C2'" . DC  A 1 8 ? 1.085   13.674  -4.270  1.00 16.27 ? 8  DC  A "C2'" 1 
ATOM   153 C "C1'" . DC  A 1 8 ? 0.077   12.557  -4.010  1.00 15.40 ? 8  DC  A "C1'" 1 
ATOM   154 N N1    . DC  A 1 8 ? 0.707   11.690  -3.005  1.00 15.23 ? 8  DC  A N1    1 
ATOM   155 C C2    . DC  A 1 8 ? -0.079  11.286  -1.920  1.00 15.10 ? 8  DC  A C2    1 
ATOM   156 O O2    . DC  A 1 8 ? -1.260  11.606  -1.853  1.00 14.36 ? 8  DC  A O2    1 
ATOM   157 N N3    . DC  A 1 8 ? 0.504   10.534  -0.955  1.00 15.26 ? 8  DC  A N3    1 
ATOM   158 C C4    . DC  A 1 8 ? 1.833   10.193  -1.026  1.00 15.99 ? 8  DC  A C4    1 
ATOM   159 N N4    . DC  A 1 8 ? 2.378   9.482   -0.022  1.00 16.18 ? 8  DC  A N4    1 
ATOM   160 C C5    . DC  A 1 8 ? 2.630   10.628  -2.127  1.00 15.40 ? 8  DC  A C5    1 
ATOM   161 C C6    . DC  A 1 8 ? 2.030   11.367  -3.067  1.00 15.19 ? 8  DC  A C6    1 
ATOM   162 O "O5'" . DG  B 1 1 ? -4.325  7.859   8.850   1.00 7.13  ? 9  DG  B "O5'" 1 
ATOM   163 C "C5'" . DG  B 1 1 ? -4.879  7.221   7.696   1.00 4.95  ? 9  DG  B "C5'" 1 
ATOM   164 C "C4'" . DG  B 1 1 ? -5.449  8.353   6.874   1.00 5.72  ? 9  DG  B "C4'" 1 
ATOM   165 O "O4'" . DG  B 1 1 ? -4.484  9.335   6.697   1.00 7.15  ? 9  DG  B "O4'" 1 
ATOM   166 C "C3'" . DG  B 1 1 ? -5.783  7.859   5.479   1.00 6.49  ? 9  DG  B "C3'" 1 
ATOM   167 O "O3'" . DG  B 1 1 ? -7.147  7.533   5.258   1.00 6.01  ? 9  DG  B "O3'" 1 
ATOM   168 C "C2'" . DG  B 1 1 ? -5.269  8.913   4.504   1.00 6.74  ? 9  DG  B "C2'" 1 
ATOM   169 C "C1'" . DG  B 1 1 ? -4.278  9.678   5.319   1.00 6.70  ? 9  DG  B "C1'" 1 
ATOM   170 N N9    . DG  B 1 1 ? -2.952  9.207   4.859   1.00 6.66  ? 9  DG  B N9    1 
ATOM   171 C C8    . DG  B 1 1 ? -2.040  8.443   5.513   1.00 6.65  ? 9  DG  B C8    1 
ATOM   172 N N7    . DG  B 1 1 ? -0.953  8.240   4.833   1.00 8.29  ? 9  DG  B N7    1 
ATOM   173 C C5    . DG  B 1 1 ? -1.145  8.950   3.653   1.00 8.18  ? 9  DG  B C5    1 
ATOM   174 C C6    . DG  B 1 1 ? -0.322  9.115   2.503   1.00 8.75  ? 9  DG  B C6    1 
ATOM   175 O O6    . DG  B 1 1 ? 0.819   8.682   2.332   1.00 8.81  ? 9  DG  B O6    1 
ATOM   176 N N1    . DG  B 1 1 ? -0.903  9.881   1.505   1.00 9.89  ? 9  DG  B N1    1 
ATOM   177 C C2    . DG  B 1 1 ? -2.128  10.454  1.667   1.00 8.72  ? 9  DG  B C2    1 
ATOM   178 N N2    . DG  B 1 1 ? -2.560  11.224  0.685   1.00 9.30  ? 9  DG  B N2    1 
ATOM   179 N N3    . DG  B 1 1 ? -2.928  10.335  2.718   1.00 8.53  ? 9  DG  B N3    1 
ATOM   180 C C4    . DG  B 1 1 ? -2.376  9.556   3.671   1.00 7.52  ? 9  DG  B C4    1 
ATOM   181 P P     . DT  B 1 2 ? -7.524  6.125   4.588   1.00 6.60  ? 10 DT  B P     1 
ATOM   182 O OP1   . DT  B 1 2 ? -8.816  5.781   5.162   1.00 5.74  ? 10 DT  B OP1   1 
ATOM   183 O OP2   . DT  B 1 2 ? -6.387  5.204   4.984   1.00 5.55  ? 10 DT  B OP2   1 
ATOM   184 O "O5'" . DT  B 1 2 ? -7.468  6.403   3.014   1.00 7.05  ? 10 DT  B "O5'" 1 
ATOM   185 C "C5'" . DT  B 1 2 ? -8.310  7.479   2.462   1.00 7.72  ? 10 DT  B "C5'" 1 
ATOM   186 C "C4'" . DT  B 1 2 ? -7.745  7.959   1.168   1.00 7.12  ? 10 DT  B "C4'" 1 
ATOM   187 O "O4'" . DT  B 1 2 ? -6.527  8.621   1.127   1.00 8.86  ? 10 DT  B "O4'" 1 
ATOM   188 C "C3'" . DT  B 1 2 ? -7.531  6.831   0.184   1.00 7.67  ? 10 DT  B "C3'" 1 
ATOM   189 O "O3'" . DT  B 1 2 ? -8.786  6.431   -0.409  1.00 7.70  ? 10 DT  B "O3'" 1 
ATOM   190 C "C2'" . DT  B 1 2 ? -6.587  7.431   -0.852  1.00 8.18  ? 10 DT  B "C2'" 1 
ATOM   191 C "C1'" . DT  B 1 2 ? -5.730  8.333   -0.034  1.00 8.18  ? 10 DT  B "C1'" 1 
ATOM   192 N N1    . DT  B 1 2 ? -4.440  7.706   0.330   1.00 9.18  ? 10 DT  B N1    1 
ATOM   193 C C2    . DT  B 1 2 ? -3.355  7.967   -0.489  1.00 9.68  ? 10 DT  B C2    1 
ATOM   194 O O2    . DT  B 1 2 ? -3.430  8.654   -1.513  1.00 8.30  ? 10 DT  B O2    1 
ATOM   195 N N3    . DT  B 1 2 ? -2.176  7.398   -0.093  1.00 10.23 ? 10 DT  B N3    1 
ATOM   196 C C4    . DT  B 1 2 ? -2.026  6.571   0.982   1.00 9.93  ? 10 DT  B C4    1 
ATOM   197 O O4    . DT  B 1 2 ? -0.862  6.138   1.177   1.00 9.44  ? 10 DT  B O4    1 
ATOM   198 C C5    . DT  B 1 2 ? -3.149  6.317   1.801   1.00 9.41  ? 10 DT  B C5    1 
ATOM   199 C C7    . DT  B 1 2 ? -2.979  5.441   2.999   1.00 7.25  ? 10 DT  B C7    1 
ATOM   200 C C6    . DT  B 1 2 ? -4.308  6.900   1.421   1.00 9.67  ? 10 DT  B C6    1 
ATOM   201 P P     . DA  B 1 3 ? -8.860  4.901   -0.818  1.00 6.85  ? 11 DA  B P     1 
ATOM   202 O OP1   . DA  B 1 3 ? -10.260 4.592   -0.994  1.00 8.19  ? 11 DA  B OP1   1 
ATOM   203 O OP2   . DA  B 1 3 ? -8.057  4.132   0.131   1.00 7.56  ? 11 DA  B OP2   1 
ATOM   204 O "O5'" . DA  B 1 3 ? -8.090  4.889   -2.238  1.00 7.41  ? 11 DA  B "O5'" 1 
ATOM   205 C "C5'" . DA  B 1 3 ? -8.717  5.605   -3.311  1.00 6.43  ? 11 DA  B "C5'" 1 
ATOM   206 C "C4'" . DA  B 1 3 ? -7.693  5.610   -4.433  1.00 6.01  ? 11 DA  B "C4'" 1 
ATOM   207 O "O4'" . DA  B 1 3 ? -6.532  6.278   -3.951  1.00 5.13  ? 11 DA  B "O4'" 1 
ATOM   208 C "C3'" . DA  B 1 3 ? -7.256  4.214   -4.870  1.00 6.37  ? 11 DA  B "C3'" 1 
ATOM   209 O "O3'" . DA  B 1 3 ? -8.181  3.480   -5.681  1.00 5.98  ? 11 DA  B "O3'" 1 
ATOM   210 C "C2'" . DA  B 1 3 ? -5.876  4.501   -5.432  1.00 5.69  ? 11 DA  B "C2'" 1 
ATOM   211 C "C1'" . DA  B 1 3 ? -5.420  5.665   -4.590  1.00 5.90  ? 11 DA  B "C1'" 1 
ATOM   212 N N9    . DA  B 1 3 ? -4.454  5.223   -3.575  1.00 7.74  ? 11 DA  B N9    1 
ATOM   213 C C8    . DA  B 1 3 ? -4.641  4.996   -2.233  1.00 7.92  ? 11 DA  B C8    1 
ATOM   214 N N7    . DA  B 1 3 ? -3.539  4.696   -1.607  1.00 8.96  ? 11 DA  B N7    1 
ATOM   215 C C5    . DA  B 1 3 ? -2.555  4.739   -2.595  1.00 8.14  ? 11 DA  B C5    1 
ATOM   216 C C6    . DA  B 1 3 ? -1.168  4.504   -2.539  1.00 9.31  ? 11 DA  B C6    1 
ATOM   217 N N6    . DA  B 1 3 ? -0.444  4.181   -1.476  1.00 9.26  ? 11 DA  B N6    1 
ATOM   218 N N1    . DA  B 1 3 ? -0.547  4.667   -3.751  1.00 10.02 ? 11 DA  B N1    1 
ATOM   219 C C2    . DA  B 1 3 ? -1.200  5.027   -4.878  1.00 10.01 ? 11 DA  B C2    1 
ATOM   220 N N3    . DA  B 1 3 ? -2.482  5.318   -4.962  1.00 8.75  ? 11 DA  B N3    1 
ATOM   221 C C4    . DA  B 1 3 ? -3.095  5.104   -3.789  1.00 7.95  ? 11 DA  B C4    1 
ATOM   222 P P     . DC  B 1 4 ? -8.387  1.914   -5.490  1.00 6.69  ? 12 DC  B P     1 
ATOM   223 O OP1   . DC  B 1 4 ? -9.666  1.550   -6.108  1.00 5.78  ? 12 DC  B OP1   1 
ATOM   224 O OP2   . DC  B 1 4 ? -8.312  1.592   -4.006  1.00 6.43  ? 12 DC  B OP2   1 
ATOM   225 O "O5'" . DC  B 1 4 ? -7.083  1.393   -6.198  1.00 6.65  ? 12 DC  B "O5'" 1 
ATOM   226 C "C5'" . DC  B 1 4 ? -7.161  1.158   -7.623  1.00 8.94  ? 12 DC  B "C5'" 1 
ATOM   227 C "C4'" . DC  B 1 4 ? -5.791  1.089   -8.278  1.00 8.64  ? 12 DC  B "C4'" 1 
ATOM   228 O "O4'" . DC  B 1 4 ? -4.964  2.012   -7.645  1.00 9.96  ? 12 DC  B "O4'" 1 
ATOM   229 C "C3'" . DC  B 1 4 ? -5.069  -0.213  -8.073  1.00 9.46  ? 12 DC  B "C3'" 1 
ATOM   230 O "O3'" . DC  B 1 4 ? -5.454  -1.334  -8.832  1.00 10.80 ? 12 DC  B "O3'" 1 
ATOM   231 C "C2'" . DC  B 1 4 ? -3.614  0.143   -8.108  1.00 9.95  ? 12 DC  B "C2'" 1 
ATOM   232 C "C1'" . DC  B 1 4 ? -3.586  1.570   -7.583  1.00 9.74  ? 12 DC  B "C1'" 1 
ATOM   233 N N1    . DC  B 1 4 ? -3.153  1.470   -6.173  1.00 8.84  ? 12 DC  B N1    1 
ATOM   234 C C2    . DC  B 1 4 ? -1.816  1.370   -5.910  1.00 8.48  ? 12 DC  B C2    1 
ATOM   235 O O2    . DC  B 1 4 ? -1.033  1.380   -6.843  1.00 9.07  ? 12 DC  B O2    1 
ATOM   236 N N3    . DC  B 1 4 ? -1.478  1.228   -4.613  1.00 10.03 ? 12 DC  B N3    1 
ATOM   237 C C4    . DC  B 1 4 ? -2.422  1.171   -3.614  1.00 10.51 ? 12 DC  B C4    1 
ATOM   238 N N4    . DC  B 1 4 ? -2.038  1.044   -2.352  1.00 11.67 ? 12 DC  B N4    1 
ATOM   239 C C5    . DC  B 1 4 ? -3.795  1.302   -3.906  1.00 10.19 ? 12 DC  B C5    1 
ATOM   240 C C6    . DC  B 1 4 ? -4.105  1.424   -5.204  1.00 8.80  ? 12 DC  B C6    1 
ATOM   241 P P     . DG  B 1 5 ? -5.777  -2.738  -8.019  1.00 11.72 ? 13 DG  B P     1 
ATOM   242 O OP1   . DG  B 1 5 ? -6.774  -3.405  -8.884  1.00 11.04 ? 13 DG  B OP1   1 
ATOM   243 O OP2   . DG  B 1 5 ? -6.279  -2.385  -6.638  1.00 11.28 ? 13 DG  B OP2   1 
ATOM   244 O "O5'" . DG  B 1 5 ? -4.323  -3.424  -7.866  1.00 11.03 ? 13 DG  B "O5'" 1 
ATOM   245 C "C5'" . DG  B 1 5 ? -3.187  -3.018  -8.670  1.00 8.59  ? 13 DG  B "C5'" 1 
ATOM   246 C "C4'" . DG  B 1 5 ? -1.946  -3.550  -8.032  1.00 6.60  ? 13 DG  B "C4'" 1 
ATOM   247 O "O4'" . DG  B 1 5 ? -1.392  -2.521  -7.253  1.00 5.80  ? 13 DG  B "O4'" 1 
ATOM   248 C "C3'" . DG  B 1 5 ? -1.934  -4.734  -7.089  1.00 7.36  ? 13 DG  B "C3'" 1 
ATOM   249 O "O3'" . DG  B 1 5 ? -2.057  -5.968  -7.775  1.00 9.15  ? 13 DG  B "O3'" 1 
ATOM   250 C "C2'" . DG  B 1 5 ? -0.568  -4.611  -6.431  1.00 4.97  ? 13 DG  B "C2'" 1 
ATOM   251 C "C1'" . DG  B 1 5 ? -0.474  -3.118  -6.334  1.00 5.34  ? 13 DG  B "C1'" 1 
ATOM   252 N N9    . DG  B 1 5 ? -0.759  -2.705  -4.948  1.00 5.63  ? 13 DG  B N9    1 
ATOM   253 C C8    . DG  B 1 5 ? -1.911  -2.290  -4.340  1.00 5.19  ? 13 DG  B C8    1 
ATOM   254 N N7    . DG  B 1 5 ? -1.776  -1.978  -3.081  1.00 6.03  ? 13 DG  B N7    1 
ATOM   255 C C5    . DG  B 1 5 ? -0.419  -2.171  -2.842  1.00 6.16  ? 13 DG  B C5    1 
ATOM   256 C C6    . DG  B 1 5 ? 0.370   -2.028  -1.665  1.00 7.36  ? 13 DG  B C6    1 
ATOM   257 O O6    . DG  B 1 5 ? 0.048   -1.605  -0.532  1.00 9.06  ? 13 DG  B O6    1 
ATOM   258 N N1    . DG  B 1 5 ? 1.665   -2.422  -1.832  1.00 5.80  ? 13 DG  B N1    1 
ATOM   259 C C2    . DG  B 1 5 ? 2.191   -2.845  -2.989  1.00 5.57  ? 13 DG  B C2    1 
ATOM   260 N N2    . DG  B 1 5 ? 3.484   -3.109  -3.037  1.00 5.88  ? 13 DG  B N2    1 
ATOM   261 N N3    . DG  B 1 5 ? 1.499   -2.978  -4.121  1.00 6.24  ? 13 DG  B N3    1 
ATOM   262 C C4    . DG  B 1 5 ? 0.202   -2.622  -3.975  1.00 5.62  ? 13 DG  B C4    1 
ATOM   263 P P     . DT  B 1 6 ? -2.205  -7.378  -7.068  1.00 7.70  ? 14 DT  B P     1 
ATOM   264 O OP1   . DT  B 1 6 ? -2.152  -8.362  -8.177  1.00 8.33  ? 14 DT  B OP1   1 
ATOM   265 O OP2   . DT  B 1 6 ? -3.453  -7.402  -6.334  1.00 9.58  ? 14 DT  B OP2   1 
ATOM   266 O "O5'" . DT  B 1 6 ? -0.980  -7.513  -6.057  1.00 8.13  ? 14 DT  B "O5'" 1 
ATOM   267 C "C5'" . DT  B 1 6 ? 0.252   -8.144  -6.502  1.00 7.84  ? 14 DT  B "C5'" 1 
ATOM   268 C "C4'" . DT  B 1 6 ? 1.180   -8.142  -5.324  1.00 7.22  ? 14 DT  B "C4'" 1 
ATOM   269 O "O4'" . DT  B 1 6 ? 1.263   -6.858  -4.762  1.00 6.49  ? 14 DT  B "O4'" 1 
ATOM   270 C "C3'" . DT  B 1 6 ? 0.747   -9.018  -4.161  1.00 7.95  ? 14 DT  B "C3'" 1 
ATOM   271 O "O3'" . DT  B 1 6 ? 1.316   -10.351 -4.361  1.00 10.46 ? 14 DT  B "O3'" 1 
ATOM   272 C "C2'" . DT  B 1 6 ? 1.597   -8.445  -3.018  1.00 7.28  ? 14 DT  B "C2'" 1 
ATOM   273 C "C1'" . DT  B 1 6 ? 1.707   -7.002  -3.392  1.00 6.42  ? 14 DT  B "C1'" 1 
ATOM   274 N N1    . DT  B 1 6 ? 0.679   -6.372  -2.533  1.00 5.48  ? 14 DT  B N1    1 
ATOM   275 C C2    . DT  B 1 6 ? 1.089   -6.020  -1.280  1.00 3.85  ? 14 DT  B C2    1 
ATOM   276 O O2    . DT  B 1 6 ? 2.206   -6.197  -0.850  1.00 3.47  ? 14 DT  B O2    1 
ATOM   277 N N3    . DT  B 1 6 ? 0.130   -5.383  -0.582  1.00 4.71  ? 14 DT  B N3    1 
ATOM   278 C C4    . DT  B 1 6 ? -1.148  -5.126  -0.942  1.00 4.48  ? 14 DT  B C4    1 
ATOM   279 O O4    . DT  B 1 6 ? -1.865  -4.533  -0.094  1.00 5.66  ? 14 DT  B O4    1 
ATOM   280 C C5    . DT  B 1 6 ? -1.541  -5.567  -2.242  1.00 4.43  ? 14 DT  B C5    1 
ATOM   281 C C7    . DT  B 1 6 ? -2.933  -5.374  -2.743  1.00 4.12  ? 14 DT  B C7    1 
ATOM   282 C C6    . DT  B 1 6 ? -0.598  -6.162  -2.987  1.00 5.18  ? 14 DT  B C6    1 
ATOM   283 P P     . DA  B 1 7 ? 0.647   -11.527 -3.451  1.00 10.21 ? 15 DA  B P     1 
ATOM   284 O OP1   . DA  B 1 7 ? 1.321   -12.755 -4.005  1.00 13.50 ? 15 DA  B OP1   1 
ATOM   285 O OP2   . DA  B 1 7 ? -0.815  -11.513 -3.542  1.00 10.99 ? 15 DA  B OP2   1 
ATOM   286 O "O5'" . DA  B 1 7 ? 1.258   -11.247 -2.017  1.00 9.64  ? 15 DA  B "O5'" 1 
ATOM   287 C "C5'" . DA  B 1 7 ? 2.392   -12.059 -1.612  1.00 9.06  ? 15 DA  B "C5'" 1 
ATOM   288 C "C4'" . DA  B 1 7 ? 2.651   -11.749 -0.155  1.00 9.06  ? 15 DA  B "C4'" 1 
ATOM   289 O "O4'" . DA  B 1 7 ? 2.486   -10.375 0.051   1.00 8.11  ? 15 DA  B "O4'" 1 
ATOM   290 C "C3'" . DA  B 1 7 ? 1.710   -12.443 0.795   1.00 9.74  ? 15 DA  B "C3'" 1 
ATOM   291 O "O3'" . DA  B 1 7 ? 2.207   -13.704 1.343   1.00 11.66 ? 15 DA  B "O3'" 1 
ATOM   292 C "C2'" . DA  B 1 7 ? 1.603   -11.461 1.945   1.00 9.04  ? 15 DA  B "C2'" 1 
ATOM   293 C "C1'" . DA  B 1 7 ? 2.016   -10.141 1.354   1.00 6.64  ? 15 DA  B "C1'" 1 
ATOM   294 N N9    . DA  B 1 7 ? 0.806   -9.307  1.260   1.00 5.23  ? 15 DA  B N9    1 
ATOM   295 C C8    . DA  B 1 7 ? -0.141  -9.193  0.268   1.00 5.57  ? 15 DA  B C8    1 
ATOM   296 N N7    . DA  B 1 7 ? -1.092  -8.324  0.534   1.00 5.13  ? 15 DA  B N7    1 
ATOM   297 C C5    . DA  B 1 7 ? -0.743  -7.899  1.826   1.00 4.45  ? 15 DA  B C5    1 
ATOM   298 C C6    . DA  B 1 7 ? -1.346  -6.986  2.704   1.00 4.18  ? 15 DA  B C6    1 
ATOM   299 N N6    . DA  B 1 7 ? -2.431  -6.260  2.487   1.00 3.96  ? 15 DA  B N6    1 
ATOM   300 N N1    . DA  B 1 7 ? -0.690  -6.795  3.887   1.00 2.90  ? 15 DA  B N1    1 
ATOM   301 C C2    . DA  B 1 7 ? 0.436   -7.453  4.224   1.00 3.19  ? 15 DA  B C2    1 
ATOM   302 N N3    . DA  B 1 7 ? 1.036   -8.343  3.458   1.00 4.60  ? 15 DA  B N3    1 
ATOM   303 C C4    . DA  B 1 7 ? 0.409   -8.501  2.274   1.00 4.15  ? 15 DA  B C4    1 
ATOM   304 P P     . DC  B 1 8 ? 0.923   -14.637 1.703   1.00 14.96 ? 16 DC  B P     1 
ATOM   305 O OP1   . DC  B 1 8 ? 1.257   -16.017 1.416   1.00 13.81 ? 16 DC  B OP1   1 
ATOM   306 O OP2   . DC  B 1 8 ? -0.257  -14.045 0.966   1.00 14.81 ? 16 DC  B OP2   1 
ATOM   307 O "O5'" . DC  B 1 8 ? 0.689   -14.239 3.279   1.00 15.06 ? 16 DC  B "O5'" 1 
ATOM   308 C "C5'" . DC  B 1 8 ? 1.871   -13.717 3.964   1.00 14.96 ? 16 DC  B "C5'" 1 
ATOM   309 C "C4'" . DC  B 1 8 ? 1.438   -13.263 5.339   1.00 13.95 ? 16 DC  B "C4'" 1 
ATOM   310 O "O4'" . DC  B 1 8 ? 1.100   -11.899 5.392   1.00 12.83 ? 16 DC  B "O4'" 1 
ATOM   311 C "C3'" . DC  B 1 8 ? 0.427   -14.072 6.127   1.00 13.25 ? 16 DC  B "C3'" 1 
ATOM   312 O "O3'" . DC  B 1 8 ? 0.921   -14.520 7.399   1.00 13.14 ? 16 DC  B "O3'" 1 
ATOM   313 C "C2'" . DC  B 1 8 ? -0.782  -13.158 6.332   1.00 12.58 ? 16 DC  B "C2'" 1 
ATOM   314 C "C1'" . DC  B 1 8 ? -0.255  -11.802 5.918   1.00 11.58 ? 16 DC  B "C1'" 1 
ATOM   315 N N1    . DC  B 1 8 ? -1.257  -11.173 5.056   1.00 9.33  ? 16 DC  B N1    1 
ATOM   316 C C2    . DC  B 1 8 ? -1.809  -10.045 5.593   1.00 8.39  ? 16 DC  B C2    1 
ATOM   317 O O2    . DC  B 1 8 ? -1.541  -9.577  6.720   1.00 6.49  ? 16 DC  B O2    1 
ATOM   318 N N3    . DC  B 1 8 ? -2.779  -9.340  4.874   1.00 6.81  ? 16 DC  B N3    1 
ATOM   319 C C4    . DC  B 1 8 ? -3.195  -9.767  3.686   1.00 6.38  ? 16 DC  B C4    1 
ATOM   320 N N4    . DC  B 1 8 ? -4.146  -9.216  2.960   1.00 6.88  ? 16 DC  B N4    1 
ATOM   321 C C5    . DC  B 1 8 ? -2.631  -10.964 3.110   1.00 7.54  ? 16 DC  B C5    1 
ATOM   322 C C6    . DC  B 1 8 ? -1.685  -11.615 3.833   1.00 9.59  ? 16 DC  B C6    1 
HETATM 323 O O     . HOH C 2 . ? -1.680  1.096   5.926   1.00 23.53 ? 17 HOH A O     1 
HETATM 324 O O     . HOH C 2 . ? 4.408   2.322   1.158   1.00 5.22  ? 18 HOH A O     1 
HETATM 325 O O     . HOH C 2 . ? 6.051   -6.077  -1.024  1.00 12.30 ? 23 HOH A O     1 
HETATM 326 O O     . HOH C 2 . ? 2.481   -8.473  10.700  1.00 33.51 ? 26 HOH A O     1 
HETATM 327 O O     . HOH C 2 . ? -0.311  4.297   -9.038  1.00 2.79  ? 29 HOH A O     1 
HETATM 328 O O     . HOH C 2 . ? 11.315  4.842   -7.666  1.00 32.82 ? 30 HOH A O     1 
HETATM 329 O O     . HOH C 2 . ? -1.948  2.786   12.502  1.00 4.06  ? 31 HOH A O     1 
HETATM 330 O O     . HOH C 2 . ? -0.463  4.022   8.985   1.00 10.94 ? 32 HOH A O     1 
HETATM 331 O O     . HOH C 2 . ? 7.673   9.677   -4.059  1.00 27.31 ? 34 HOH A O     1 
HETATM 332 O O     . HOH C 2 . ? 10.773  9.367   -8.043  1.00 40.78 ? 36 HOH A O     1 
HETATM 333 O O     . HOH C 2 . ? 6.410   0.439   11.894  1.00 15.51 ? 37 HOH A O     1 
HETATM 334 O O     . HOH C 2 . ? 7.817   -3.754  -3.336  1.00 22.65 ? 40 HOH A O     1 
HETATM 335 O O     . HOH C 2 . ? 5.020   -8.459  -2.156  1.00 10.93 ? 42 HOH A O     1 
HETATM 336 O O     . HOH C 2 . ? 8.458   7.007   -0.310  1.00 15.69 ? 44 HOH A O     1 
HETATM 337 O O     . HOH C 2 . ? 2.426   0.367   5.153   1.00 2.00  ? 47 HOH A O     1 
HETATM 338 O O     . HOH C 2 . ? 2.116   -1.119  13.479  1.00 13.63 ? 48 HOH A O     1 
HETATM 339 O O     . HOH C 2 . ? 10.614  -2.004  -5.831  1.00 12.53 ? 49 HOH A O     1 
HETATM 340 O O     . HOH C 2 . ? 13.438  1.724   -1.449  1.00 21.43 ? 52 HOH A O     1 
HETATM 341 O O     . HOH C 2 . ? 12.224  -2.420  -2.670  1.00 10.46 ? 54 HOH A O     1 
HETATM 342 O O     . HOH C 2 . ? 7.425   -9.071  -4.099  1.00 18.42 ? 56 HOH A O     1 
HETATM 343 O O     . HOH C 2 . ? 6.736   -9.669  -6.899  1.00 18.50 ? 57 HOH A O     1 
HETATM 344 O O     . HOH C 2 . ? 4.814   7.074   -0.232  1.00 14.75 ? 61 HOH A O     1 
HETATM 345 O O     . HOH C 2 . ? 16.806  3.536   -7.178  1.00 3.21  ? 62 HOH A O     1 
HETATM 346 O O     . HOH C 2 . ? 5.558   3.269   8.576   1.00 22.67 ? 63 HOH A O     1 
HETATM 347 O O     . HOH C 2 . ? 3.529   4.351   7.012   1.00 15.92 ? 64 HOH A O     1 
HETATM 348 O O     . HOH C 2 . ? 1.973   2.906   2.128   1.00 12.06 ? 65 HOH A O     1 
HETATM 349 O O     . HOH C 2 . ? 8.845   4.419   0.471   1.00 3.37  ? 69 HOH A O     1 
HETATM 350 O O     . HOH C 2 . ? 10.003  11.886  -4.101  1.00 2.00  ? 70 HOH A O     1 
HETATM 351 O O     . HOH C 2 . ? 0.563   12.182  -10.660 1.00 27.76 ? 73 HOH A O     1 
HETATM 352 O O     . HOH C 2 . ? 13.478  4.631   -3.707  1.00 19.36 ? 76 HOH A O     1 
HETATM 353 O O     . HOH C 2 . ? 10.202  2.950   8.498   0.50 19.47 ? 78 HOH A O     1 
HETATM 354 O O     . HOH C 2 . ? 13.879  -1.175  -0.086  1.00 30.79 ? 79 HOH A O     1 
HETATM 355 O O     . HOH C 2 . ? 5.811   15.700  -7.004  1.00 12.82 ? 81 HOH A O     1 
HETATM 356 O O     . HOH D 2 . ? -9.757  -1.631  1.993   1.00 21.79 ? 19 HOH B O     1 
HETATM 357 O O     . HOH D 2 . ? -11.596 6.484   6.401   1.00 33.49 ? 20 HOH B O     1 
HETATM 358 O O     . HOH D 2 . ? -9.752  8.602   8.291   1.00 23.49 ? 21 HOH B O     1 
HETATM 359 O O     . HOH D 2 . ? -4.735  11.800  -2.289  1.00 35.40 ? 22 HOH B O     1 
HETATM 360 O O     . HOH D 2 . ? -5.744  -0.714  1.259   1.00 21.03 ? 24 HOH B O     1 
HETATM 361 O O     . HOH D 2 . ? -5.242  -9.092  -11.274 1.00 20.50 ? 25 HOH B O     1 
HETATM 362 O O     . HOH D 2 . ? -9.723  -4.753  -9.060  1.00 26.04 ? 27 HOH B O     1 
HETATM 363 O O     . HOH D 2 . ? -10.123 2.583   1.827   1.00 7.56  ? 28 HOH B O     1 
HETATM 364 O O     . HOH D 2 . ? -12.388 3.024   -2.229  1.00 2.67  ? 33 HOH B O     1 
HETATM 365 O O     . HOH D 2 . ? -1.035  -15.295 -3.641  1.00 34.07 ? 35 HOH B O     1 
HETATM 366 O O     . HOH D 2 . ? -12.298 -0.943  4.409   1.00 15.73 ? 38 HOH B O     1 
HETATM 367 O O     . HOH D 2 . ? -9.613  -8.609  -6.789  1.00 31.41 ? 39 HOH B O     1 
HETATM 368 O O     . HOH D 2 . ? -9.624  -11.894 -4.192  0.50 21.09 ? 41 HOH B O     1 
HETATM 369 O O     . HOH D 2 . ? -11.921 4.371   5.141   1.00 32.47 ? 43 HOH B O     1 
HETATM 370 O O     . HOH D 2 . ? -3.005  6.153   11.416  1.00 13.42 ? 45 HOH B O     1 
HETATM 371 O O     . HOH D 2 . ? -0.468  -0.097  -8.909  1.00 2.00  ? 46 HOH B O     1 
HETATM 372 O O     . HOH D 2 . ? 4.081   -11.410 8.748   1.00 35.77 ? 50 HOH B O     1 
HETATM 373 O O     . HOH D 2 . ? -5.503  -10.282 1.095   1.00 8.75  ? 51 HOH B O     1 
HETATM 374 O O     . HOH D 2 . ? -0.783  4.094   6.103   1.00 23.26 ? 53 HOH B O     1 
HETATM 375 O O     . HOH D 2 . ? 4.633   -18.227 7.446   1.00 18.03 ? 55 HOH B O     1 
HETATM 376 O O     . HOH D 2 . ? -1.745  -17.519 -0.731  0.50 27.40 ? 58 HOH B O     1 
HETATM 377 O O     . HOH D 2 . ? -4.775  -6.087  0.561   1.00 5.30  ? 59 HOH B O     1 
HETATM 378 O O     . HOH D 2 . ? -3.152  -8.601  -0.910  1.00 19.71 ? 60 HOH B O     1 
HETATM 379 O O     . HOH D 2 . ? -4.019  4.150   7.613   1.00 38.69 ? 66 HOH B O     1 
HETATM 380 O O     . HOH D 2 . ? -6.378  1.241   -0.927  1.00 15.09 ? 67 HOH B O     1 
HETATM 381 O O     . HOH D 2 . ? 2.316   6.823   4.413   1.00 9.94  ? 68 HOH B O     1 
HETATM 382 O O     . HOH D 2 . ? -8.433  -6.910  -3.551  1.00 35.44 ? 71 HOH B O     1 
HETATM 383 O O     . HOH D 2 . ? -4.217  -1.621  -0.574  1.00 2.00  ? 72 HOH B O     1 
HETATM 384 O O     . HOH D 2 . ? -5.905  1.331   5.285   1.00 17.27 ? 74 HOH B O     1 
HETATM 385 O O     . HOH D 2 . ? -10.637 0.144   -8.367  1.00 41.21 ? 75 HOH B O     1 
HETATM 386 O O     . HOH D 2 . ? -3.760  -9.276  -3.555  1.00 22.66 ? 77 HOH B O     1 
HETATM 387 O O     . HOH D 2 . ? -8.157  -2.155  -1.262  1.00 44.11 ? 80 HOH B O     1 
HETATM 388 O O     . HOH D 2 . ? 3.717   -18.106 3.400   1.00 20.03 ? 82 HOH B O     1 
# 
